data_3LZB
#
_entry.id   3LZB
#
_cell.length_a   85.586
_cell.length_b   70.874
_cell.length_c   115.182
_cell.angle_alpha   90.00
_cell.angle_beta   109.36
_cell.angle_gamma   90.00
#
_symmetry.space_group_name_H-M   'P 1 21 1'
#
loop_
_entity.id
_entity.type
_entity.pdbx_description
1 polymer 'Epidermal growth factor receptor'
2 non-polymer N-[3-(5-{2-[(4-morpholin-4-ylphenyl)amino]pyrimidin-4-yl}imidazo[2,1-b][1,3]thiazol-6-yl)phenyl]-2-phenylacetamide
3 water water
#
_entity_poly.entity_id   1
_entity_poly.type   'polypeptide(L)'
_entity_poly.pdbx_seq_one_letter_code
;GEAPNQALLRILKETEFKKIKVLGSGAFGTVYKGLWIPEGEKVKIPVAIKELREATSPKANKEILDEAYVMASVDNPHVC
RLLGICLTSTVQLITQLMPFGCLLDYVREHKDNIGSQYLLNWCVQIAKGMNYLEDRRLVHRDLAARNVLVKTPQHVKITD
FGLAKLLGAEEKEYHAEGGKVPIKWMALESILHRIYTHQSDVWSYGVTVWELMTFGSKPYDGIPASEISSILEKGERLPQ
PPICTIDVYMIMRKCWMIDADSRPKFRELIIEFSKMARDPQRYLVIQG(UNK)(UNK)(UNK)(UNK)(UNK)(UNK)
(UNK)(UNK)(UNK)(UNK)(UNK)(UNK)(UNK)(UNK)(UNK)(UNK)(UNK)(UNK)(UNK)(UNK)(UNK)(UNK)
(UNK)(UNK)(UNK)(UNK)(UNK)(UNK)(UNK)(UNK)(UNK)(UNK)(UNK)(UNK)(UNK)(UNK)(UNK)(UNK)
(UNK)
;
_entity_poly.pdbx_strand_id   A,B,C,D,E,F,G,H
#
# COMPACT_ATOMS: atom_id res chain seq x y z
N LEU A 8 -34.37 11.45 41.92
CA LEU A 8 -33.09 10.71 41.96
C LEU A 8 -32.13 11.08 40.86
N LEU A 9 -32.29 12.29 40.36
CA LEU A 9 -31.37 12.87 39.40
C LEU A 9 -30.96 14.24 39.99
N ARG A 10 -29.67 14.46 40.15
CA ARG A 10 -29.12 15.74 40.64
C ARG A 10 -28.97 16.69 39.44
N ILE A 11 -29.62 17.85 39.57
CA ILE A 11 -29.45 18.89 38.58
C ILE A 11 -28.31 19.72 39.14
N LEU A 12 -27.27 19.90 38.34
CA LEU A 12 -26.09 20.60 38.80
C LEU A 12 -25.96 21.99 38.21
N LYS A 13 -25.37 22.88 39.01
CA LYS A 13 -25.04 24.24 38.59
C LYS A 13 -23.54 24.20 38.31
N GLU A 14 -23.10 24.89 37.26
CA GLU A 14 -21.70 24.86 36.90
C GLU A 14 -20.78 25.15 38.08
N THR A 15 -21.33 25.78 39.10
CA THR A 15 -20.58 26.16 40.31
C THR A 15 -20.29 24.98 41.22
N GLU A 16 -21.02 23.87 41.05
CA GLU A 16 -20.84 22.71 41.93
C GLU A 16 -19.87 21.70 41.39
N PHE A 17 -19.55 21.78 40.10
CA PHE A 17 -18.57 20.83 39.57
C PHE A 17 -17.55 21.49 38.66
N LYS A 18 -16.58 20.73 38.19
CA LYS A 18 -15.56 21.28 37.32
C LYS A 18 -14.88 20.17 36.54
N LYS A 19 -14.80 20.34 35.21
CA LYS A 19 -14.08 19.38 34.41
C LYS A 19 -12.64 19.59 34.82
N ILE A 20 -11.85 18.54 34.79
CA ILE A 20 -10.48 18.63 35.23
C ILE A 20 -9.54 18.15 34.11
N LYS A 21 -9.78 17.00 33.47
CA LYS A 21 -8.95 16.50 32.35
C LYS A 21 -9.87 15.85 31.30
N VAL A 22 -9.41 15.78 30.05
CA VAL A 22 -10.17 15.09 29.01
C VAL A 22 -9.65 13.68 29.12
N LEU A 23 -10.56 12.71 29.02
CA LEU A 23 -10.19 11.32 29.11
C LEU A 23 -10.35 10.67 27.76
N GLY A 24 -11.26 11.19 26.93
CA GLY A 24 -11.46 10.64 25.61
C GLY A 24 -12.56 11.37 24.85
N SER A 25 -12.63 11.13 23.55
CA SER A 25 -13.63 11.80 22.71
C SER A 25 -14.21 10.80 21.71
N GLY A 26 -15.50 10.91 21.47
CA GLY A 26 -16.18 10.05 20.52
C GLY A 26 -17.18 10.88 19.75
N ALA A 27 -18.27 10.24 19.31
CA ALA A 27 -19.32 10.92 18.52
C ALA A 27 -20.30 11.76 19.34
N PHE A 28 -20.95 11.11 20.32
CA PHE A 28 -21.94 11.80 21.18
C PHE A 28 -21.31 12.97 21.97
N GLY A 29 -20.01 12.89 22.20
CA GLY A 29 -19.32 13.93 22.95
C GLY A 29 -17.98 13.55 23.53
N THR A 30 -17.54 14.33 24.53
CA THR A 30 -16.25 14.16 25.16
C THR A 30 -16.35 13.73 26.61
N VAL A 31 -15.40 12.91 27.06
CA VAL A 31 -15.40 12.43 28.41
C VAL A 31 -14.29 13.07 29.23
N TYR A 32 -14.68 13.57 30.40
CA TYR A 32 -13.79 14.27 31.34
C TYR A 32 -13.77 13.63 32.72
N LYS A 33 -12.64 13.80 33.38
CA LYS A 33 -12.56 13.48 34.78
C LYS A 33 -12.99 14.85 35.34
N GLY A 34 -13.79 14.86 36.39
CA GLY A 34 -14.33 16.09 36.94
C GLY A 34 -14.26 15.96 38.43
N LEU A 35 -14.74 17.01 39.11
CA LEU A 35 -14.74 17.06 40.54
C LEU A 35 -16.05 17.66 40.98
N TRP A 36 -16.72 16.99 41.93
CA TRP A 36 -17.90 17.58 42.51
C TRP A 36 -17.51 18.26 43.83
N ILE A 37 -17.85 19.54 43.93
CA ILE A 37 -17.59 20.34 45.12
C ILE A 37 -18.85 20.40 45.96
N PRO A 38 -19.00 19.49 46.95
CA PRO A 38 -20.22 19.55 47.74
C PRO A 38 -20.23 20.87 48.53
N GLU A 39 -21.36 21.59 48.47
CA GLU A 39 -21.42 22.89 49.15
C GLU A 39 -21.35 22.78 50.68
N GLY A 40 -20.48 23.60 51.28
CA GLY A 40 -20.29 23.55 52.71
C GLY A 40 -19.07 22.72 53.09
N GLU A 41 -18.45 22.04 52.14
CA GLU A 41 -17.29 21.21 52.44
C GLU A 41 -16.03 21.59 51.69
N LYS A 42 -14.89 21.25 52.29
CA LYS A 42 -13.56 21.54 51.74
C LYS A 42 -12.95 20.41 50.89
N VAL A 43 -13.73 19.38 50.59
CA VAL A 43 -13.27 18.32 49.70
C VAL A 43 -13.81 18.52 48.28
N LYS A 44 -13.22 17.78 47.35
CA LYS A 44 -13.66 17.76 45.97
C LYS A 44 -13.68 16.27 45.54
N ILE A 45 -14.90 15.80 45.20
CA ILE A 45 -15.19 14.43 44.79
C ILE A 45 -15.13 14.15 43.26
N PRO A 46 -14.23 13.26 42.86
CA PRO A 46 -14.11 12.81 41.48
C PRO A 46 -15.41 12.27 40.86
N VAL A 47 -15.68 12.68 39.62
CA VAL A 47 -16.84 12.21 38.90
C VAL A 47 -16.41 12.05 37.45
N ALA A 48 -17.28 11.43 36.64
CA ALA A 48 -17.05 11.29 35.21
C ALA A 48 -18.08 12.24 34.63
N ILE A 49 -17.64 13.08 33.69
CA ILE A 49 -18.57 13.99 33.04
C ILE A 49 -18.50 13.71 31.56
N LYS A 50 -19.65 13.54 30.94
CA LYS A 50 -19.69 13.38 29.48
C LYS A 50 -20.43 14.60 28.90
N GLU A 51 -19.67 15.44 28.20
CA GLU A 51 -20.23 16.62 27.59
C GLU A 51 -20.63 16.31 26.15
N LEU A 52 -21.92 16.41 25.88
CA LEU A 52 -22.46 16.07 24.56
C LEU A 52 -22.32 17.18 23.54
N ARG A 53 -22.21 16.73 22.28
CA ARG A 53 -22.15 17.60 21.11
C ARG A 53 -23.59 17.94 20.74
N GLU A 54 -24.00 19.16 21.03
CA GLU A 54 -25.39 19.60 20.80
C GLU A 54 -25.66 20.07 19.36
N ALA A 55 -26.76 20.81 19.19
CA ALA A 55 -27.18 21.39 17.91
C ALA A 55 -27.79 20.44 16.89
N THR A 56 -27.98 19.19 17.31
CA THR A 56 -28.53 18.10 16.47
C THR A 56 -29.97 18.23 15.99
N SER A 57 -30.75 19.05 16.70
CA SER A 57 -32.17 19.30 16.41
C SER A 57 -32.77 20.28 17.46
N PRO A 58 -31.92 21.16 18.05
CA PRO A 58 -31.97 22.20 19.09
C PRO A 58 -33.16 22.00 20.02
N LYS A 59 -32.98 21.11 20.99
CA LYS A 59 -34.07 20.75 21.88
C LYS A 59 -34.09 21.58 23.13
N ALA A 60 -35.29 21.77 23.66
CA ALA A 60 -35.44 22.55 24.88
C ALA A 60 -35.05 21.69 26.07
N ASN A 61 -34.62 22.37 27.12
CA ASN A 61 -34.14 21.73 28.31
C ASN A 61 -35.13 20.84 29.07
N LYS A 62 -36.38 21.28 29.19
CA LYS A 62 -37.33 20.45 29.92
C LYS A 62 -37.52 19.16 29.11
N GLU A 63 -37.44 19.27 27.78
CA GLU A 63 -37.57 18.12 26.87
C GLU A 63 -36.35 17.20 26.98
N ILE A 64 -35.20 17.77 27.37
CA ILE A 64 -33.97 17.00 27.59
C ILE A 64 -34.00 16.30 28.96
N LEU A 65 -34.48 17.01 29.98
CA LEU A 65 -34.59 16.45 31.32
C LEU A 65 -35.61 15.35 31.43
N ASP A 66 -36.66 15.44 30.63
CA ASP A 66 -37.67 14.40 30.69
C ASP A 66 -37.00 13.04 30.49
N GLU A 67 -36.02 13.07 29.60
CA GLU A 67 -35.29 11.88 29.23
C GLU A 67 -34.26 11.48 30.27
N ALA A 68 -33.54 12.49 30.80
CA ALA A 68 -32.53 12.29 31.82
C ALA A 68 -33.12 11.57 33.02
N TYR A 69 -34.30 12.02 33.42
CA TYR A 69 -35.01 11.41 34.53
C TYR A 69 -35.21 9.89 34.35
N VAL A 70 -35.44 9.46 33.13
CA VAL A 70 -35.60 8.02 32.86
C VAL A 70 -34.27 7.24 33.02
N MET A 71 -33.20 7.77 32.42
CA MET A 71 -31.87 7.18 32.52
C MET A 71 -31.32 7.24 33.93
N ALA A 72 -31.84 8.16 34.73
CA ALA A 72 -31.41 8.30 36.10
C ALA A 72 -32.21 7.34 36.98
N SER A 73 -33.12 6.60 36.34
CA SER A 73 -34.00 5.68 37.04
C SER A 73 -33.61 4.20 36.93
N VAL A 74 -32.54 3.91 36.21
CA VAL A 74 -32.15 2.51 36.04
C VAL A 74 -31.41 1.96 37.24
N ASP A 75 -31.72 0.73 37.61
CA ASP A 75 -30.96 0.07 38.65
C ASP A 75 -30.55 -1.37 38.29
N ASN A 76 -29.42 -1.53 37.63
CA ASN A 76 -28.93 -2.88 37.34
C ASN A 76 -27.42 -2.83 37.43
N PRO A 77 -26.81 -3.89 37.93
CA PRO A 77 -25.34 -3.86 38.05
C PRO A 77 -24.63 -3.72 36.72
N HIS A 78 -25.38 -3.94 35.65
CA HIS A 78 -24.78 -3.89 34.33
C HIS A 78 -25.34 -2.82 33.45
N VAL A 79 -25.86 -1.80 34.09
CA VAL A 79 -26.35 -0.67 33.33
C VAL A 79 -25.82 0.53 34.05
N CYS A 80 -25.12 1.36 33.32
CA CYS A 80 -24.56 2.58 33.83
C CYS A 80 -25.68 3.58 34.04
N ARG A 81 -25.80 4.10 35.26
CA ARG A 81 -26.86 5.06 35.64
C ARG A 81 -26.50 6.53 35.52
N LEU A 82 -27.39 7.37 35.03
CA LEU A 82 -27.12 8.82 35.05
C LEU A 82 -27.25 9.36 36.50
N LEU A 83 -26.22 10.03 37.02
CA LEU A 83 -26.30 10.58 38.40
C LEU A 83 -26.66 12.06 38.47
N GLY A 84 -26.11 12.84 37.56
CA GLY A 84 -26.40 14.25 37.51
C GLY A 84 -26.41 14.74 36.09
N ILE A 85 -26.92 15.96 35.92
CA ILE A 85 -27.03 16.60 34.60
C ILE A 85 -26.88 18.10 34.79
N CYS A 86 -26.14 18.73 33.88
CA CYS A 86 -25.95 20.18 33.89
C CYS A 86 -26.28 20.67 32.50
N LEU A 87 -27.36 21.44 32.41
CA LEU A 87 -27.85 21.95 31.13
C LEU A 87 -27.49 23.41 30.92
N THR A 88 -26.46 23.63 30.13
CA THR A 88 -26.02 24.97 29.81
C THR A 88 -26.06 25.17 28.28
N SER A 89 -24.96 25.66 27.73
CA SER A 89 -24.84 25.77 26.28
C SER A 89 -24.84 24.30 25.83
N THR A 90 -24.02 23.51 26.54
CA THR A 90 -23.87 22.08 26.32
C THR A 90 -24.60 21.27 27.38
N VAL A 91 -24.83 20.00 27.08
CA VAL A 91 -25.49 19.09 27.99
C VAL A 91 -24.43 18.17 28.59
N GLN A 92 -24.35 18.18 29.92
CA GLN A 92 -23.36 17.37 30.62
C GLN A 92 -23.97 16.31 31.48
N LEU A 93 -23.50 15.07 31.27
CA LEU A 93 -23.95 13.91 32.03
C LEU A 93 -22.89 13.48 33.03
N ILE A 94 -23.30 13.33 34.28
CA ILE A 94 -22.39 12.94 35.35
C ILE A 94 -22.71 11.54 35.86
N THR A 95 -21.65 10.80 36.11
CA THR A 95 -21.76 9.46 36.65
C THR A 95 -20.50 9.15 37.48
N GLN A 96 -20.54 8.00 38.11
CA GLN A 96 -19.43 7.54 38.90
C GLN A 96 -18.26 7.29 37.95
N LEU A 97 -17.12 7.86 38.30
CA LEU A 97 -15.91 7.74 37.52
C LEU A 97 -15.39 6.32 37.61
N MET A 98 -14.97 5.76 36.50
CA MET A 98 -14.41 4.44 36.51
C MET A 98 -13.05 4.63 35.91
N PRO A 99 -12.10 3.77 36.26
CA PRO A 99 -10.73 3.83 35.78
C PRO A 99 -10.49 3.23 34.42
N PHE A 100 -11.51 2.61 33.81
CA PHE A 100 -11.29 1.86 32.58
C PHE A 100 -11.93 2.25 31.29
N GLY A 101 -12.82 3.22 31.23
CA GLY A 101 -13.35 3.51 29.88
C GLY A 101 -14.05 2.36 29.13
N CYS A 102 -14.22 2.44 27.82
CA CYS A 102 -15.00 1.44 27.06
C CYS A 102 -14.41 0.03 26.84
N LEU A 103 -15.29 -0.97 26.65
CA LEU A 103 -14.83 -2.33 26.44
C LEU A 103 -14.02 -2.47 25.15
N LEU A 104 -14.43 -1.72 24.12
CA LEU A 104 -13.79 -1.81 22.83
C LEU A 104 -12.30 -1.60 22.91
N ASP A 105 -11.90 -0.46 23.49
CA ASP A 105 -10.48 -0.14 23.69
C ASP A 105 -9.84 -1.17 24.58
N TYR A 106 -10.51 -1.54 25.65
CA TYR A 106 -9.96 -2.52 26.56
C TYR A 106 -9.55 -3.78 25.84
N VAL A 107 -10.48 -4.36 25.05
CA VAL A 107 -10.16 -5.57 24.27
C VAL A 107 -9.09 -5.32 23.21
N ARG A 108 -9.05 -4.12 22.63
CA ARG A 108 -8.00 -3.84 21.65
C ARG A 108 -6.65 -3.81 22.39
N GLU A 109 -6.62 -3.19 23.57
CA GLU A 109 -5.38 -3.10 24.34
C GLU A 109 -4.90 -4.43 24.77
N HIS A 110 -5.81 -5.35 24.98
CA HIS A 110 -5.39 -6.67 25.41
C HIS A 110 -5.68 -7.65 24.30
N LYS A 111 -5.44 -7.19 23.09
CA LYS A 111 -5.71 -7.93 21.86
C LYS A 111 -5.71 -9.42 21.92
N ASP A 112 -4.58 -10.08 22.08
CA ASP A 112 -4.73 -11.53 22.08
C ASP A 112 -4.48 -12.23 23.42
N ASN A 113 -4.26 -11.43 24.47
CA ASN A 113 -4.05 -11.95 25.83
C ASN A 113 -5.28 -11.87 26.76
N ILE A 114 -6.48 -11.99 26.21
CA ILE A 114 -7.72 -11.99 27.00
C ILE A 114 -8.29 -13.41 26.96
N GLY A 115 -8.78 -13.93 28.06
CA GLY A 115 -9.26 -15.31 28.06
C GLY A 115 -10.75 -15.61 27.92
N SER A 116 -11.00 -16.83 27.43
CA SER A 116 -12.34 -17.36 27.29
C SER A 116 -13.27 -16.97 28.42
N GLN A 117 -12.81 -17.06 29.66
CA GLN A 117 -13.74 -16.80 30.74
C GLN A 117 -14.28 -15.36 30.71
N TYR A 118 -13.37 -14.44 30.42
CA TYR A 118 -13.67 -13.02 30.35
C TYR A 118 -14.60 -12.67 29.21
N LEU A 119 -14.28 -13.18 28.03
CA LEU A 119 -15.11 -12.94 26.84
C LEU A 119 -16.51 -13.40 27.11
N LEU A 120 -16.67 -14.68 27.47
CA LEU A 120 -18.02 -15.22 27.68
C LEU A 120 -18.81 -14.56 28.82
N ASN A 121 -18.09 -14.00 29.80
CA ASN A 121 -18.74 -13.33 30.93
C ASN A 121 -19.28 -11.96 30.54
N TRP A 122 -18.53 -11.24 29.69
CA TRP A 122 -18.90 -9.92 29.21
C TRP A 122 -20.13 -10.11 28.38
N CYS A 123 -20.20 -11.26 27.68
CA CYS A 123 -21.37 -11.56 26.83
C CYS A 123 -22.62 -11.70 27.65
N VAL A 124 -22.51 -12.40 28.80
CA VAL A 124 -23.61 -12.61 29.73
C VAL A 124 -23.99 -11.29 30.39
N GLN A 125 -22.98 -10.56 30.83
CA GLN A 125 -23.24 -9.29 31.49
C GLN A 125 -23.93 -8.31 30.55
N ILE A 126 -23.54 -8.30 29.27
CA ILE A 126 -24.13 -7.38 28.33
C ILE A 126 -25.56 -7.70 28.08
N ALA A 127 -25.85 -9.01 28.10
CA ALA A 127 -27.22 -9.53 27.91
C ALA A 127 -28.10 -9.27 29.13
N LYS A 128 -27.53 -9.46 30.32
CA LYS A 128 -28.28 -9.16 31.55
C LYS A 128 -28.67 -7.68 31.56
N GLY A 129 -27.73 -6.82 31.17
CA GLY A 129 -27.98 -5.40 31.10
C GLY A 129 -29.08 -5.05 30.10
N MET A 130 -28.97 -5.65 28.92
CA MET A 130 -29.92 -5.46 27.84
C MET A 130 -31.31 -5.99 28.21
N ASN A 131 -31.34 -7.10 28.92
CA ASN A 131 -32.59 -7.68 29.39
C ASN A 131 -33.23 -6.79 30.47
N TYR A 132 -32.40 -6.12 31.27
CA TYR A 132 -32.97 -5.19 32.27
C TYR A 132 -33.70 -4.08 31.52
N LEU A 133 -33.00 -3.44 30.59
CA LEU A 133 -33.53 -2.38 29.73
C LEU A 133 -34.77 -2.85 29.01
N GLU A 134 -34.75 -4.06 28.47
CA GLU A 134 -35.95 -4.57 27.84
C GLU A 134 -37.10 -4.60 28.86
N ASP A 135 -36.83 -5.18 30.04
CA ASP A 135 -37.85 -5.21 31.09
C ASP A 135 -38.35 -3.82 31.47
N ARG A 136 -37.47 -2.83 31.42
CA ARG A 136 -37.86 -1.45 31.73
C ARG A 136 -38.53 -0.80 30.49
N ARG A 137 -38.64 -1.56 29.41
CA ARG A 137 -39.23 -1.03 28.18
C ARG A 137 -38.41 0.10 27.56
N LEU A 138 -37.09 -0.04 27.61
CA LEU A 138 -36.18 0.91 27.04
C LEU A 138 -35.47 0.27 25.86
N VAL A 139 -35.38 0.98 24.72
CA VAL A 139 -34.66 0.48 23.58
C VAL A 139 -33.39 1.27 23.53
N HIS A 140 -32.28 0.56 23.43
CA HIS A 140 -30.99 1.20 23.39
C HIS A 140 -30.85 2.09 22.09
N ARG A 141 -30.86 1.47 20.92
CA ARG A 141 -30.69 2.12 19.59
C ARG A 141 -29.23 2.11 19.08
N ASP A 142 -28.26 2.15 19.98
CA ASP A 142 -26.85 2.15 19.57
C ASP A 142 -25.96 1.28 20.50
N LEU A 143 -26.30 0.02 20.60
CA LEU A 143 -25.54 -0.89 21.39
C LEU A 143 -24.30 -1.35 20.56
N ALA A 144 -23.12 -1.08 21.10
CA ALA A 144 -21.87 -1.41 20.42
C ALA A 144 -20.92 -1.55 21.59
N ALA A 145 -19.79 -2.23 21.40
CA ALA A 145 -18.78 -2.33 22.47
C ALA A 145 -18.32 -0.92 22.98
N ARG A 146 -18.30 0.05 22.08
CA ARG A 146 -17.89 1.42 22.41
C ARG A 146 -18.85 1.96 23.44
N ASN A 147 -19.99 1.31 23.58
CA ASN A 147 -21.00 1.77 24.54
C ASN A 147 -21.13 0.95 25.83
N VAL A 148 -20.17 0.05 26.04
CA VAL A 148 -20.13 -0.81 27.19
C VAL A 148 -18.86 -0.37 27.94
N LEU A 149 -19.06 0.12 29.16
CA LEU A 149 -17.99 0.61 30.01
C LEU A 149 -17.46 -0.51 30.88
N VAL A 150 -16.20 -0.38 31.26
CA VAL A 150 -15.51 -1.36 32.13
C VAL A 150 -15.37 -0.76 33.55
N LYS A 151 -16.02 -1.36 34.56
CA LYS A 151 -15.90 -0.86 35.97
C LYS A 151 -14.61 -1.47 36.56
N THR A 152 -14.47 -2.78 36.35
CA THR A 152 -13.26 -3.57 36.63
C THR A 152 -13.29 -4.47 35.41
N PRO A 153 -12.23 -5.24 35.15
CA PRO A 153 -12.21 -6.11 33.97
C PRO A 153 -13.18 -7.26 34.08
N GLN A 154 -13.82 -7.39 35.23
CA GLN A 154 -14.77 -8.51 35.39
C GLN A 154 -16.16 -8.00 35.61
N HIS A 155 -16.36 -6.70 35.45
CA HIS A 155 -17.67 -6.10 35.63
C HIS A 155 -17.85 -4.93 34.66
N VAL A 156 -18.73 -5.11 33.66
CA VAL A 156 -19.03 -4.09 32.66
C VAL A 156 -20.47 -3.53 32.75
N LYS A 157 -20.64 -2.30 32.34
CA LYS A 157 -21.93 -1.62 32.40
C LYS A 157 -22.30 -1.00 31.02
N ILE A 158 -23.50 -1.30 30.53
CA ILE A 158 -23.90 -0.68 29.28
C ILE A 158 -24.26 0.79 29.54
N THR A 159 -23.86 1.68 28.64
CA THR A 159 -24.20 3.10 28.72
C THR A 159 -24.90 3.63 27.47
N ASP A 160 -25.30 4.90 27.51
CA ASP A 160 -25.89 5.59 26.36
C ASP A 160 -27.08 5.00 25.71
N PHE A 161 -28.00 4.48 26.50
CA PHE A 161 -29.23 4.01 25.91
C PHE A 161 -30.14 5.23 25.77
N GLY A 162 -30.81 5.35 24.62
CA GLY A 162 -31.70 6.46 24.38
C GLY A 162 -31.06 7.80 24.01
N LEU A 163 -29.76 7.84 23.78
CA LEU A 163 -29.12 9.09 23.38
C LEU A 163 -29.87 9.82 22.24
N LYS A 180 -22.87 10.35 12.78
CA LYS A 180 -23.41 9.47 11.71
C LYS A 180 -24.14 8.27 12.29
N VAL A 181 -24.81 7.54 11.39
CA VAL A 181 -25.59 6.37 11.76
C VAL A 181 -24.80 5.05 11.67
N PRO A 182 -24.70 4.33 12.81
CA PRO A 182 -23.95 3.09 13.00
C PRO A 182 -24.52 1.97 12.16
N ILE A 183 -24.69 2.24 10.87
CA ILE A 183 -25.23 1.29 9.90
C ILE A 183 -24.74 -0.18 10.14
N LYS A 184 -23.41 -0.32 10.33
CA LYS A 184 -22.76 -1.62 10.49
C LYS A 184 -23.13 -2.31 11.79
N TRP A 185 -23.94 -1.65 12.60
CA TRP A 185 -24.43 -2.22 13.86
C TRP A 185 -25.94 -2.39 13.83
N MET A 186 -26.59 -1.69 12.90
CA MET A 186 -28.04 -1.71 12.77
C MET A 186 -28.63 -2.93 12.09
N ALA A 187 -29.79 -3.32 12.60
CA ALA A 187 -30.54 -4.42 12.01
C ALA A 187 -31.13 -3.87 10.69
N LEU A 188 -31.45 -4.77 9.76
CA LEU A 188 -31.99 -4.39 8.47
C LEU A 188 -33.18 -3.43 8.49
N GLU A 189 -34.14 -3.67 9.37
CA GLU A 189 -35.32 -2.82 9.44
C GLU A 189 -34.99 -1.45 9.97
N SER A 190 -33.93 -1.32 10.75
CA SER A 190 -33.58 -0.02 11.31
C SER A 190 -32.95 0.74 10.18
N ILE A 191 -32.20 0.00 9.37
CA ILE A 191 -31.58 0.59 8.18
C ILE A 191 -32.63 1.00 7.16
N LEU A 192 -33.56 0.09 6.88
CA LEU A 192 -34.58 0.34 5.87
C LEU A 192 -35.72 1.24 6.33
N HIS A 193 -36.11 1.13 7.59
CA HIS A 193 -37.26 1.89 8.04
C HIS A 193 -37.13 2.67 9.31
N ARG A 194 -35.94 2.67 9.88
CA ARG A 194 -35.75 3.41 11.12
C ARG A 194 -36.67 2.84 12.18
N ILE A 195 -36.85 1.52 12.12
CA ILE A 195 -37.62 0.79 13.09
C ILE A 195 -36.64 0.36 14.15
N TYR A 196 -36.92 0.75 15.40
CA TYR A 196 -36.07 0.34 16.54
C TYR A 196 -36.86 -0.40 17.62
N THR A 197 -36.47 -1.63 17.90
CA THR A 197 -37.15 -2.46 18.92
C THR A 197 -36.13 -3.23 19.74
N HIS A 198 -36.60 -4.00 20.71
CA HIS A 198 -35.72 -4.84 21.51
C HIS A 198 -35.08 -5.90 20.63
N GLN A 199 -35.79 -6.27 19.57
CA GLN A 199 -35.29 -7.26 18.61
C GLN A 199 -34.17 -6.68 17.72
N SER A 200 -34.23 -5.39 17.43
CA SER A 200 -33.15 -4.74 16.70
C SER A 200 -31.94 -4.57 17.63
N ASP A 201 -32.17 -4.42 18.93
CA ASP A 201 -31.08 -4.35 19.90
C ASP A 201 -30.39 -5.72 19.94
N VAL A 202 -31.16 -6.77 19.73
CA VAL A 202 -30.56 -8.11 19.69
C VAL A 202 -29.55 -8.21 18.55
N TRP A 203 -29.91 -7.68 17.38
CA TRP A 203 -29.02 -7.69 16.23
C TRP A 203 -27.71 -7.01 16.62
N SER A 204 -27.82 -5.77 17.09
CA SER A 204 -26.66 -4.97 17.49
C SER A 204 -25.84 -5.70 18.52
N TYR A 205 -26.53 -6.50 19.34
CA TYR A 205 -25.88 -7.26 20.40
C TYR A 205 -24.96 -8.33 19.79
N GLY A 206 -25.45 -9.00 18.75
CA GLY A 206 -24.65 -9.95 18.02
C GLY A 206 -23.41 -9.31 17.40
N VAL A 207 -23.52 -8.07 16.93
CA VAL A 207 -22.35 -7.34 16.39
C VAL A 207 -21.37 -7.05 17.52
N THR A 208 -21.91 -6.56 18.64
CA THR A 208 -21.09 -6.29 19.82
C THR A 208 -20.28 -7.53 20.21
N VAL A 209 -20.94 -8.68 20.29
CA VAL A 209 -20.29 -9.94 20.65
C VAL A 209 -19.17 -10.22 19.64
N TRP A 210 -19.49 -10.04 18.36
CA TRP A 210 -18.51 -10.21 17.27
C TRP A 210 -17.27 -9.31 17.47
N GLU A 211 -17.48 -8.03 17.80
CA GLU A 211 -16.35 -7.14 18.07
C GLU A 211 -15.48 -7.72 19.17
N LEU A 212 -16.12 -8.20 20.24
CA LEU A 212 -15.38 -8.74 21.36
C LEU A 212 -14.55 -9.93 20.92
N MET A 213 -15.22 -10.88 20.26
CA MET A 213 -14.58 -12.12 19.80
C MET A 213 -13.45 -11.94 18.78
N THR A 214 -13.44 -10.77 18.13
CA THR A 214 -12.39 -10.44 17.16
C THR A 214 -11.37 -9.49 17.79
N PHE A 215 -11.59 -9.13 19.04
CA PHE A 215 -10.69 -8.23 19.75
C PHE A 215 -10.72 -6.84 19.20
N GLY A 216 -11.93 -6.34 18.98
CA GLY A 216 -12.13 -4.99 18.52
C GLY A 216 -11.94 -4.73 17.03
N SER A 217 -12.28 -5.70 16.18
CA SER A 217 -12.16 -5.53 14.73
C SER A 217 -13.35 -4.71 14.26
N LYS A 218 -13.19 -4.05 13.11
CA LYS A 218 -14.24 -3.23 12.54
C LYS A 218 -15.19 -4.13 11.77
N PRO A 219 -16.50 -4.08 12.11
CA PRO A 219 -17.39 -4.98 11.33
C PRO A 219 -17.42 -4.57 9.84
N TYR A 220 -17.35 -5.55 8.95
CA TYR A 220 -17.40 -5.31 7.50
C TYR A 220 -16.27 -4.41 7.03
N ASP A 221 -15.04 -4.67 7.48
CA ASP A 221 -13.89 -3.81 7.17
C ASP A 221 -13.69 -3.55 5.68
N GLY A 222 -13.99 -2.34 5.27
CA GLY A 222 -13.83 -2.04 3.88
C GLY A 222 -15.16 -1.75 3.21
N ILE A 223 -16.14 -2.63 3.38
CA ILE A 223 -17.42 -2.40 2.74
C ILE A 223 -18.03 -1.04 3.12
N PRO A 224 -18.45 -0.28 2.10
CA PRO A 224 -19.07 1.03 2.37
C PRO A 224 -20.44 0.80 2.95
N ALA A 225 -20.84 1.68 3.85
CA ALA A 225 -22.14 1.64 4.51
C ALA A 225 -23.27 1.54 3.49
N SER A 226 -23.12 2.32 2.42
CA SER A 226 -24.08 2.39 1.31
C SER A 226 -24.41 1.00 0.77
N GLU A 227 -23.47 0.09 0.90
CA GLU A 227 -23.60 -1.25 0.40
C GLU A 227 -24.05 -2.29 1.43
N ILE A 228 -24.16 -1.91 2.69
CA ILE A 228 -24.51 -2.86 3.74
C ILE A 228 -25.90 -3.50 3.66
N SER A 229 -26.90 -2.75 3.23
CA SER A 229 -28.27 -3.27 3.13
C SER A 229 -28.35 -4.43 2.16
N SER A 230 -27.63 -4.29 1.04
CA SER A 230 -27.62 -5.25 -0.09
C SER A 230 -26.91 -6.56 0.19
N ILE A 231 -25.83 -6.48 0.94
CA ILE A 231 -25.12 -7.69 1.27
C ILE A 231 -25.88 -8.45 2.35
N LEU A 232 -26.62 -7.69 3.14
CA LEU A 232 -27.39 -8.26 4.21
C LEU A 232 -28.52 -9.00 3.53
N GLU A 233 -29.26 -8.22 2.73
CA GLU A 233 -30.41 -8.73 1.98
C GLU A 233 -30.01 -9.98 1.22
N LYS A 234 -28.88 -9.91 0.55
CA LYS A 234 -28.37 -11.06 -0.20
C LYS A 234 -27.86 -12.19 0.71
N GLY A 235 -28.06 -12.05 2.03
CA GLY A 235 -27.75 -13.07 3.02
C GLY A 235 -26.34 -13.24 3.53
N GLU A 236 -25.42 -12.35 3.19
CA GLU A 236 -24.04 -12.43 3.67
C GLU A 236 -24.01 -11.86 5.12
N ARG A 237 -23.17 -12.41 6.00
CA ARG A 237 -23.13 -11.98 7.41
C ARG A 237 -21.67 -11.74 7.91
N LEU A 238 -21.46 -11.17 9.09
CA LEU A 238 -20.09 -10.99 9.55
C LEU A 238 -19.43 -12.35 9.66
N PRO A 239 -18.13 -12.43 9.34
CA PRO A 239 -17.43 -13.73 9.30
C PRO A 239 -17.19 -14.33 10.67
N GLN A 240 -17.12 -15.65 10.71
CA GLN A 240 -16.84 -16.36 11.95
C GLN A 240 -15.49 -15.98 12.49
N PRO A 241 -15.43 -15.51 13.75
CA PRO A 241 -14.13 -15.17 14.36
C PRO A 241 -13.32 -16.44 14.59
N PRO A 242 -12.02 -16.40 14.33
CA PRO A 242 -11.20 -17.61 14.47
C PRO A 242 -11.28 -18.28 15.86
N ILE A 243 -11.54 -17.50 16.90
CA ILE A 243 -11.58 -18.05 18.26
C ILE A 243 -12.88 -18.76 18.61
N CYS A 244 -13.94 -18.47 17.86
CA CYS A 244 -15.25 -19.03 18.08
C CYS A 244 -15.50 -20.40 17.51
N THR A 245 -16.11 -21.23 18.32
CA THR A 245 -16.55 -22.51 17.84
C THR A 245 -17.88 -22.23 17.10
N ILE A 246 -18.40 -23.24 16.41
CA ILE A 246 -19.63 -23.10 15.66
C ILE A 246 -20.84 -22.77 16.53
N ASP A 247 -20.91 -23.34 17.74
CA ASP A 247 -22.02 -23.06 18.66
C ASP A 247 -22.12 -21.56 18.99
N VAL A 248 -20.95 -20.93 19.15
CA VAL A 248 -20.90 -19.49 19.43
C VAL A 248 -21.32 -18.74 18.17
N TYR A 249 -20.63 -18.99 17.07
CA TYR A 249 -21.00 -18.37 15.79
C TYR A 249 -22.51 -18.56 15.49
N MET A 250 -23.01 -19.77 15.70
CA MET A 250 -24.40 -20.07 15.50
C MET A 250 -25.30 -19.05 16.22
N ILE A 251 -24.96 -18.76 17.46
CA ILE A 251 -25.72 -17.78 18.25
C ILE A 251 -25.67 -16.39 17.63
N MET A 252 -24.46 -15.93 17.36
CA MET A 252 -24.27 -14.65 16.69
C MET A 252 -25.16 -14.59 15.45
N ARG A 253 -25.05 -15.60 14.60
CA ARG A 253 -25.84 -15.64 13.39
C ARG A 253 -27.36 -15.55 13.59
N LYS A 254 -27.83 -16.21 14.65
CA LYS A 254 -29.27 -16.19 14.94
C LYS A 254 -29.72 -14.76 15.26
N CYS A 255 -28.79 -13.96 15.79
CA CYS A 255 -29.06 -12.55 16.14
C CYS A 255 -29.27 -11.72 14.89
N TRP A 256 -28.76 -12.22 13.77
CA TRP A 256 -28.89 -11.50 12.51
C TRP A 256 -29.95 -12.05 11.51
N MET A 257 -30.92 -12.82 11.98
CA MET A 257 -32.01 -13.26 11.12
C MET A 257 -32.67 -11.96 10.64
N ILE A 258 -33.36 -12.07 9.49
CA ILE A 258 -34.07 -10.95 8.89
C ILE A 258 -35.36 -10.74 9.64
N ASP A 259 -35.96 -11.86 10.03
CA ASP A 259 -37.21 -11.85 10.79
C ASP A 259 -36.90 -11.61 12.26
N ALA A 260 -37.20 -10.38 12.70
CA ALA A 260 -36.90 -9.95 14.04
C ALA A 260 -37.38 -10.94 15.08
N ASP A 261 -38.60 -11.42 14.89
CA ASP A 261 -39.21 -12.31 15.86
C ASP A 261 -38.61 -13.66 15.96
N SER A 262 -37.74 -14.02 15.03
CA SER A 262 -37.08 -15.31 15.10
C SER A 262 -35.66 -15.19 15.68
N ARG A 263 -35.29 -13.96 16.03
CA ARG A 263 -34.00 -13.68 16.66
C ARG A 263 -34.13 -14.08 18.15
N PRO A 264 -32.99 -14.46 18.77
CA PRO A 264 -33.14 -14.82 20.18
C PRO A 264 -33.51 -13.63 21.09
N LYS A 265 -34.03 -13.95 22.28
CA LYS A 265 -34.37 -12.95 23.26
C LYS A 265 -33.19 -12.85 24.20
N PHE A 266 -33.05 -11.69 24.81
CA PHE A 266 -31.96 -11.47 25.73
C PHE A 266 -31.97 -12.48 26.85
N ARG A 267 -33.14 -12.82 27.38
CA ARG A 267 -33.18 -13.87 28.40
C ARG A 267 -32.65 -15.24 27.89
N GLU A 268 -32.96 -15.61 26.65
CA GLU A 268 -32.36 -16.82 26.11
C GLU A 268 -30.86 -16.61 26.04
N LEU A 269 -30.44 -15.39 25.67
CA LEU A 269 -29.01 -15.08 25.50
C LEU A 269 -28.18 -15.17 26.80
N ILE A 270 -28.80 -14.72 27.88
CA ILE A 270 -28.21 -14.80 29.20
C ILE A 270 -27.97 -16.28 29.52
N ILE A 271 -29.01 -17.07 29.30
CA ILE A 271 -28.95 -18.49 29.58
C ILE A 271 -27.87 -19.24 28.78
N GLU A 272 -27.90 -19.04 27.47
CA GLU A 272 -26.97 -19.71 26.57
C GLU A 272 -25.50 -19.40 26.86
N PHE A 273 -25.21 -18.13 27.10
CA PHE A 273 -23.84 -17.71 27.35
C PHE A 273 -23.39 -18.09 28.73
N SER A 274 -24.37 -18.18 29.64
CA SER A 274 -24.11 -18.58 31.03
C SER A 274 -23.57 -20.03 30.99
N LYS A 275 -24.23 -20.83 30.15
CA LYS A 275 -23.86 -22.20 29.99
C LYS A 275 -22.46 -22.30 29.41
N MET A 276 -22.19 -21.54 28.37
CA MET A 276 -20.86 -21.59 27.75
C MET A 276 -19.74 -21.10 28.66
N ALA A 277 -20.04 -20.15 29.52
CA ALA A 277 -19.04 -19.58 30.42
C ALA A 277 -18.72 -20.59 31.51
N ARG A 278 -19.57 -21.60 31.65
CA ARG A 278 -19.37 -22.66 32.64
C ARG A 278 -18.26 -23.61 32.20
N ASP A 279 -17.88 -23.51 30.94
CA ASP A 279 -16.79 -24.32 30.37
C ASP A 279 -16.28 -23.55 29.12
N PRO A 280 -15.68 -22.35 29.33
CA PRO A 280 -15.24 -21.42 28.31
C PRO A 280 -14.34 -22.03 27.28
N GLN A 281 -13.38 -22.83 27.75
CA GLN A 281 -12.35 -23.39 26.88
C GLN A 281 -12.91 -24.36 25.88
N ARG A 282 -14.17 -24.71 26.05
CA ARG A 282 -14.82 -25.62 25.14
C ARG A 282 -15.47 -24.87 23.99
N TYR A 283 -15.94 -23.65 24.26
CA TYR A 283 -16.65 -22.83 23.26
C TYR A 283 -15.86 -21.75 22.56
N LEU A 284 -14.74 -21.32 23.15
CA LEU A 284 -13.81 -20.35 22.55
C LEU A 284 -12.42 -21.00 22.54
N VAL A 285 -11.76 -20.96 21.38
CA VAL A 285 -10.43 -21.53 21.21
C VAL A 285 -9.40 -20.41 21.09
N ILE A 286 -8.68 -20.20 22.18
CA ILE A 286 -7.67 -19.16 22.25
C ILE A 286 -6.36 -19.80 22.66
N GLN A 287 -5.26 -19.39 22.05
CA GLN A 287 -3.96 -19.95 22.41
C GLN A 287 -3.48 -19.24 23.70
N GLY A 288 -3.66 -19.93 24.83
CA GLY A 288 -3.33 -19.42 26.15
C GLY A 288 -4.29 -19.95 27.22
N LEU B 8 -3.69 31.55 33.79
CA LEU B 8 -2.74 30.51 33.35
C LEU B 8 -1.91 30.78 32.07
N LEU B 9 -1.95 32.03 31.62
CA LEU B 9 -1.14 32.51 30.53
C LEU B 9 -0.62 33.87 31.00
N ARG B 10 0.70 34.00 30.99
CA ARG B 10 1.30 35.27 31.38
C ARG B 10 1.32 36.20 30.21
N ILE B 11 0.83 37.41 30.43
CA ILE B 11 0.96 38.45 29.42
C ILE B 11 2.22 39.21 29.85
N LEU B 12 3.23 39.23 28.98
CA LEU B 12 4.49 39.88 29.35
C LEU B 12 4.69 41.24 28.72
N LYS B 13 5.43 42.10 29.44
CA LYS B 13 5.85 43.40 28.95
C LYS B 13 7.30 43.23 28.54
N GLU B 14 7.70 43.86 27.46
CA GLU B 14 9.07 43.73 26.97
C GLU B 14 10.12 43.95 28.05
N THR B 15 9.72 44.65 29.11
CA THR B 15 10.60 44.99 30.23
C THR B 15 10.80 43.80 31.17
N GLU B 16 9.91 42.81 31.07
CA GLU B 16 9.97 41.59 31.90
C GLU B 16 10.90 40.49 31.38
N PHE B 17 11.25 40.56 30.11
CA PHE B 17 12.11 39.52 29.58
C PHE B 17 13.12 40.06 28.61
N LYS B 18 14.03 39.20 28.18
CA LYS B 18 15.03 39.60 27.24
C LYS B 18 15.60 38.42 26.46
N LYS B 19 15.70 38.58 25.14
CA LYS B 19 16.30 37.56 24.27
C LYS B 19 17.81 37.65 24.46
N ILE B 20 18.45 36.50 24.52
CA ILE B 20 19.88 36.44 24.82
C ILE B 20 20.69 35.84 23.68
N LYS B 21 20.24 34.72 23.11
CA LYS B 21 20.92 34.11 21.98
C LYS B 21 19.85 33.59 21.01
N VAL B 22 20.23 33.46 19.73
CA VAL B 22 19.34 32.87 18.75
C VAL B 22 19.67 31.40 18.85
N LEU B 23 18.66 30.55 18.84
CA LEU B 23 18.88 29.12 18.93
C LEU B 23 18.59 28.45 17.59
N GLY B 24 17.72 29.06 16.80
CA GLY B 24 17.37 28.52 15.51
C GLY B 24 16.32 29.37 14.84
N SER B 25 16.13 29.12 13.55
CA SER B 25 15.14 29.86 12.79
C SER B 25 14.35 28.90 11.90
N GLY B 26 13.06 29.15 11.77
CA GLY B 26 12.20 28.28 10.98
C GLY B 26 11.36 29.10 10.06
N ALA B 27 10.51 28.43 9.32
CA ALA B 27 9.66 29.12 8.36
C ALA B 27 8.83 30.21 9.03
N PHE B 28 8.32 29.90 10.21
CA PHE B 28 7.40 30.83 10.87
C PHE B 28 7.94 31.80 11.91
N GLY B 29 9.15 31.54 12.39
CA GLY B 29 9.73 32.42 13.39
C GLY B 29 11.15 32.08 13.79
N THR B 30 11.64 32.80 14.79
CA THR B 30 12.97 32.56 15.32
C THR B 30 12.90 32.18 16.78
N VAL B 31 13.81 31.30 17.18
CA VAL B 31 13.83 30.80 18.55
C VAL B 31 15.04 31.34 19.28
N TYR B 32 14.77 31.93 20.44
CA TYR B 32 15.77 32.51 21.33
C TYR B 32 15.82 31.86 22.70
N LYS B 33 17.00 31.91 23.30
CA LYS B 33 17.15 31.57 24.67
C LYS B 33 16.88 32.98 25.26
N GLY B 34 16.01 33.07 26.27
CA GLY B 34 15.67 34.33 26.89
C GLY B 34 15.83 34.19 28.39
N LEU B 35 15.67 35.32 29.09
CA LEU B 35 15.64 35.35 30.54
C LEU B 35 14.37 36.08 30.92
N TRP B 36 13.71 35.60 31.94
CA TRP B 36 12.56 36.28 32.49
C TRP B 36 13.06 36.92 33.80
N ILE B 37 12.81 38.22 33.91
CA ILE B 37 13.15 39.03 35.08
C ILE B 37 11.92 39.23 35.94
N PRO B 38 11.73 38.39 36.98
CA PRO B 38 10.55 38.59 37.81
C PRO B 38 10.67 39.94 38.54
N GLU B 39 9.60 40.74 38.49
CA GLU B 39 9.63 42.06 39.10
C GLU B 39 9.69 42.04 40.61
N GLY B 40 10.59 42.83 41.15
CA GLY B 40 10.82 42.86 42.58
C GLY B 40 12.03 42.02 42.98
N GLU B 41 12.57 41.24 42.06
CA GLU B 41 13.68 40.37 42.38
C GLU B 41 14.93 40.58 41.56
N LYS B 42 16.06 40.20 42.12
CA LYS B 42 17.35 40.35 41.43
C LYS B 42 17.77 39.09 40.68
N VAL B 43 16.75 38.30 40.33
CA VAL B 43 16.90 37.02 39.61
C VAL B 43 16.52 37.11 38.12
N LYS B 44 17.20 36.27 37.32
CA LYS B 44 16.98 36.16 35.87
C LYS B 44 16.76 34.69 35.46
N ILE B 45 15.51 34.29 35.14
CA ILE B 45 15.13 32.89 34.81
C ILE B 45 15.11 32.53 33.34
N PRO B 46 15.85 31.50 32.96
CA PRO B 46 15.90 31.05 31.55
C PRO B 46 14.57 30.61 30.97
N VAL B 47 14.29 31.06 29.75
CA VAL B 47 13.04 30.72 29.07
C VAL B 47 13.35 30.55 27.59
N ALA B 48 12.40 30.00 26.84
CA ALA B 48 12.55 29.84 25.39
C ALA B 48 11.57 30.86 24.86
N ILE B 49 12.00 31.68 23.91
CA ILE B 49 11.10 32.67 23.30
C ILE B 49 11.07 32.37 21.81
N LYS B 50 9.86 32.29 21.26
CA LYS B 50 9.72 32.12 19.82
C LYS B 50 9.06 33.38 19.26
N GLU B 51 9.84 34.15 18.50
CA GLU B 51 9.32 35.36 17.89
C GLU B 51 8.80 35.10 16.47
N LEU B 52 7.50 35.31 16.28
CA LEU B 52 6.86 35.04 15.00
C LEU B 52 6.98 36.14 13.97
N ARG B 53 7.01 35.72 12.69
CA ARG B 53 7.09 36.61 11.51
C ARG B 53 5.66 37.05 11.22
N GLU B 54 5.34 38.31 11.51
CA GLU B 54 3.96 38.76 11.35
C GLU B 54 3.58 39.26 9.96
N ALA B 55 2.41 39.92 9.92
CA ALA B 55 1.81 40.54 8.73
C ALA B 55 1.11 39.59 7.76
N THR B 56 1.06 38.32 8.13
CA THR B 56 0.44 37.26 7.34
C THR B 56 -1.11 37.22 7.37
N SER B 57 -1.70 38.04 8.24
CA SER B 57 -3.15 38.06 8.43
C SER B 57 -3.71 39.23 9.29
N PRO B 58 -2.85 40.23 9.64
CA PRO B 58 -2.91 41.41 10.52
C PRO B 58 -4.07 41.41 11.58
N LYS B 59 -3.82 40.75 12.71
CA LYS B 59 -4.84 40.47 13.73
C LYS B 59 -4.84 41.27 15.01
N ALA B 60 -6.04 41.64 15.47
CA ALA B 60 -6.19 42.36 16.74
C ALA B 60 -5.77 41.47 17.91
N ASN B 61 -5.28 42.10 18.97
CA ASN B 61 -4.75 41.36 20.09
C ASN B 61 -5.71 40.47 20.85
N LYS B 62 -6.96 40.90 21.02
CA LYS B 62 -7.94 40.06 21.73
C LYS B 62 -8.20 38.83 20.88
N GLU B 63 -8.15 39.01 19.56
CA GLU B 63 -8.32 37.90 18.61
C GLU B 63 -7.10 36.95 18.64
N ILE B 64 -5.93 37.48 18.96
CA ILE B 64 -4.72 36.67 19.11
C ILE B 64 -4.70 35.95 20.47
N LEU B 65 -5.13 36.64 21.50
CA LEU B 65 -5.16 36.07 22.85
C LEU B 65 -6.22 34.97 22.97
N ASP B 66 -7.30 35.09 22.22
CA ASP B 66 -8.31 34.03 22.32
C ASP B 66 -7.64 32.71 22.04
N GLU B 67 -6.69 32.76 21.12
CA GLU B 67 -6.00 31.59 20.66
C GLU B 67 -4.96 31.16 21.65
N ALA B 68 -4.21 32.16 22.09
CA ALA B 68 -3.12 31.92 23.01
C ALA B 68 -3.63 31.24 24.27
N TYR B 69 -4.75 31.73 24.77
CA TYR B 69 -5.40 31.16 25.94
C TYR B 69 -5.66 29.68 25.79
N VAL B 70 -6.02 29.25 24.60
CA VAL B 70 -6.31 27.82 24.39
C VAL B 70 -5.00 27.02 24.43
N MET B 71 -3.96 27.59 23.82
CA MET B 71 -2.68 26.92 23.70
C MET B 71 -1.98 26.85 25.01
N ALA B 72 -2.41 27.69 25.93
CA ALA B 72 -1.79 27.71 27.27
C ALA B 72 -2.61 26.81 28.20
N SER B 73 -3.76 26.33 27.70
CA SER B 73 -4.64 25.48 28.47
C SER B 73 -4.37 24.01 28.26
N VAL B 74 -3.37 23.66 27.48
CA VAL B 74 -3.11 22.24 27.23
C VAL B 74 -2.37 21.61 28.38
N ASP B 75 -2.84 20.43 28.79
CA ASP B 75 -2.15 19.69 29.83
C ASP B 75 -1.87 18.23 29.47
N ASN B 76 -0.77 18.01 28.75
CA ASN B 76 -0.37 16.66 28.41
C ASN B 76 1.15 16.64 28.42
N PRO B 77 1.73 15.56 28.92
CA PRO B 77 3.19 15.49 29.00
C PRO B 77 3.84 15.55 27.64
N HIS B 78 3.04 15.36 26.60
CA HIS B 78 3.61 15.34 25.26
C HIS B 78 3.10 16.42 24.36
N VAL B 79 2.66 17.51 24.98
CA VAL B 79 2.27 18.66 24.25
C VAL B 79 2.94 19.81 24.90
N CYS B 80 3.61 20.60 24.11
CA CYS B 80 4.32 21.75 24.61
C CYS B 80 3.31 22.87 24.85
N ARG B 81 3.29 23.37 26.09
CA ARG B 81 2.35 24.37 26.55
C ARG B 81 2.82 25.81 26.43
N LEU B 82 1.89 26.71 26.11
CA LEU B 82 2.25 28.13 26.00
C LEU B 82 2.19 28.83 27.36
N LEU B 83 3.34 29.33 27.83
CA LEU B 83 3.43 29.93 29.16
C LEU B 83 3.19 31.41 29.21
N GLY B 84 3.78 32.12 28.26
CA GLY B 84 3.63 33.56 28.23
C GLY B 84 3.56 34.04 26.80
N ILE B 85 3.13 35.28 26.67
CA ILE B 85 3.00 35.89 25.38
C ILE B 85 3.35 37.36 25.54
N CYS B 86 3.93 37.92 24.49
CA CYS B 86 4.22 39.34 24.47
C CYS B 86 3.78 39.81 23.12
N LEU B 87 2.73 40.63 23.13
CA LEU B 87 2.09 41.16 21.91
C LEU B 87 2.51 42.59 21.61
N THR B 88 3.49 42.75 20.73
CA THR B 88 3.99 44.07 20.37
C THR B 88 3.84 44.21 18.85
N SER B 89 4.91 44.65 18.20
CA SER B 89 4.92 44.75 16.74
C SER B 89 4.89 43.29 16.32
N THR B 90 5.73 42.49 17.00
CA THR B 90 5.84 41.04 16.79
C THR B 90 5.11 40.29 17.91
N VAL B 91 4.81 39.03 17.62
CA VAL B 91 4.15 38.16 18.60
C VAL B 91 5.24 37.19 19.13
N GLN B 92 5.41 37.20 20.45
CA GLN B 92 6.41 36.34 21.08
C GLN B 92 5.79 35.32 22.02
N LEU B 93 6.18 34.07 21.81
CA LEU B 93 5.67 32.96 22.61
C LEU B 93 6.76 32.46 23.54
N ILE B 94 6.43 32.33 24.82
CA ILE B 94 7.36 31.88 25.83
C ILE B 94 6.95 30.53 26.37
N THR B 95 7.97 29.70 26.56
CA THR B 95 7.78 28.39 27.15
C THR B 95 9.06 27.99 27.87
N GLN B 96 9.00 26.89 28.56
CA GLN B 96 10.09 26.39 29.33
C GLN B 96 11.18 26.01 28.38
N LEU B 97 12.37 26.48 28.70
CA LEU B 97 13.56 26.24 27.91
C LEU B 97 13.97 24.80 28.07
N MET B 98 14.30 24.15 26.96
CA MET B 98 14.75 22.78 26.97
C MET B 98 16.10 22.83 26.30
N PRO B 99 17.00 21.91 26.62
CA PRO B 99 18.34 21.83 26.07
C PRO B 99 18.45 21.17 24.72
N PHE B 100 17.37 20.64 24.18
CA PHE B 100 17.52 19.87 22.95
C PHE B 100 16.95 20.33 21.60
N GLY B 101 16.06 21.32 21.55
CA GLY B 101 15.58 21.57 20.19
C GLY B 101 14.72 20.48 19.54
N CYS B 102 14.47 20.55 18.26
CA CYS B 102 13.57 19.61 17.57
C CYS B 102 14.00 18.16 17.38
N LEU B 103 13.04 17.24 17.23
CA LEU B 103 13.35 15.82 17.03
C LEU B 103 14.08 15.57 15.73
N LEU B 104 13.71 16.32 14.69
CA LEU B 104 14.30 16.15 13.37
C LEU B 104 15.83 16.23 13.41
N ASP B 105 16.34 17.33 13.95
CA ASP B 105 17.77 17.53 14.10
C ASP B 105 18.36 16.46 14.99
N TYR B 106 17.71 16.20 16.10
CA TYR B 106 18.19 15.22 17.02
C TYR B 106 18.45 13.90 16.32
N VAL B 107 17.45 13.38 15.58
CA VAL B 107 17.63 12.12 14.83
C VAL B 107 18.69 12.23 13.76
N ARG B 108 18.84 13.39 13.13
CA ARG B 108 19.89 13.53 12.12
C ARG B 108 21.24 13.47 12.81
N GLU B 109 21.38 14.14 13.95
CA GLU B 109 22.62 14.13 14.74
C GLU B 109 23.00 12.75 15.22
N HIS B 110 22.04 11.90 15.52
CA HIS B 110 22.35 10.57 15.96
C HIS B 110 21.89 9.59 14.87
N LYS B 111 22.13 9.98 13.61
CA LYS B 111 21.69 9.28 12.42
C LYS B 111 21.58 7.80 12.55
N ASP B 112 22.73 7.18 12.68
CA ASP B 112 22.83 5.74 12.82
C ASP B 112 23.55 5.67 14.16
N ASN B 113 22.72 5.76 15.20
CA ASN B 113 23.18 5.73 16.59
C ASN B 113 21.97 5.73 17.51
N ILE B 114 20.79 5.48 16.92
CA ILE B 114 19.55 5.50 17.66
C ILE B 114 18.92 4.12 17.67
N GLY B 115 18.68 3.62 18.87
CA GLY B 115 18.04 2.34 19.09
C GLY B 115 16.61 2.26 18.61
N SER B 116 16.13 1.03 18.54
CA SER B 116 14.79 0.73 18.11
C SER B 116 13.76 1.12 19.18
N GLN B 117 14.18 1.04 20.45
CA GLN B 117 13.30 1.36 21.58
C GLN B 117 12.94 2.85 21.57
N TYR B 118 13.91 3.68 21.24
CA TYR B 118 13.70 5.12 21.17
C TYR B 118 12.76 5.54 20.05
N LEU B 119 13.01 5.03 18.87
CA LEU B 119 12.17 5.35 17.71
C LEU B 119 10.72 5.02 17.94
N LEU B 120 10.45 3.79 18.38
CA LEU B 120 9.08 3.38 18.67
C LEU B 120 8.43 4.09 19.85
N ASN B 121 9.22 4.55 20.81
CA ASN B 121 8.69 5.30 21.93
C ASN B 121 8.25 6.70 21.54
N TRP B 122 9.01 7.30 20.65
CA TRP B 122 8.73 8.66 20.13
C TRP B 122 7.46 8.57 19.35
N CYS B 123 7.26 7.42 18.69
CA CYS B 123 6.07 7.20 17.89
C CYS B 123 4.82 7.19 18.77
N VAL B 124 4.94 6.53 19.92
CA VAL B 124 3.85 6.44 20.90
C VAL B 124 3.60 7.81 21.53
N GLN B 125 4.69 8.46 21.88
CA GLN B 125 4.58 9.76 22.53
C GLN B 125 3.95 10.76 21.59
N ILE B 126 4.29 10.71 20.30
CA ILE B 126 3.76 11.69 19.35
C ILE B 126 2.28 11.47 19.13
N ALA B 127 1.87 10.19 19.22
CA ALA B 127 0.46 9.79 19.09
C ALA B 127 -0.37 10.15 20.36
N LYS B 128 0.24 9.95 21.53
CA LYS B 128 -0.44 10.34 22.76
C LYS B 128 -0.69 11.85 22.75
N GLY B 129 0.31 12.60 22.29
CA GLY B 129 0.17 14.04 22.21
C GLY B 129 -0.93 14.47 21.26
N MET B 130 -0.88 13.86 20.07
CA MET B 130 -1.86 14.11 19.02
C MET B 130 -3.28 13.74 19.46
N ASN B 131 -3.39 12.64 20.20
CA ASN B 131 -4.69 12.18 20.71
C ASN B 131 -5.21 13.14 21.77
N TYR B 132 -4.31 13.72 22.55
CA TYR B 132 -4.75 14.68 23.54
C TYR B 132 -5.40 15.88 22.80
N LEU B 133 -4.65 16.46 21.85
CA LEU B 133 -5.10 17.57 21.02
C LEU B 133 -6.41 17.21 20.32
N GLU B 134 -6.51 16.00 19.77
CA GLU B 134 -7.78 15.61 19.18
C GLU B 134 -8.90 15.70 20.24
N ASP B 135 -8.65 15.12 21.42
CA ASP B 135 -9.66 15.16 22.49
C ASP B 135 -10.00 16.59 22.87
N ARG B 136 -9.02 17.49 22.80
CA ARG B 136 -9.27 18.91 23.10
C ARG B 136 -9.88 19.62 21.89
N ARG B 137 -10.11 18.87 20.82
CA ARG B 137 -10.70 19.45 19.62
C ARG B 137 -9.79 20.47 18.93
N LEU B 138 -8.50 20.19 18.92
CA LEU B 138 -7.52 21.06 18.29
C LEU B 138 -6.91 20.33 17.11
N VAL B 139 -6.82 21.02 15.96
CA VAL B 139 -6.22 20.42 14.79
C VAL B 139 -4.88 21.06 14.69
N HIS B 140 -3.86 20.23 14.57
CA HIS B 140 -2.53 20.76 14.49
C HIS B 140 -2.29 21.59 13.19
N ARG B 141 -2.46 20.91 12.06
CA ARG B 141 -2.30 21.49 10.73
C ARG B 141 -0.88 21.47 10.18
N ASP B 142 0.10 21.28 11.05
CA ASP B 142 1.49 21.25 10.58
C ASP B 142 2.36 20.30 11.44
N LEU B 143 1.89 19.06 11.58
CA LEU B 143 2.66 18.09 12.32
C LEU B 143 3.81 17.65 11.45
N ALA B 144 5.01 17.64 12.01
CA ALA B 144 6.21 17.22 11.30
C ALA B 144 7.21 17.02 12.42
N ALA B 145 8.32 16.34 12.13
CA ALA B 145 9.39 16.11 13.13
C ALA B 145 10.07 17.42 13.60
N ARG B 146 9.95 18.44 12.75
CA ARG B 146 10.51 19.75 13.04
C ARG B 146 9.64 20.39 14.09
N ASN B 147 8.45 19.84 14.30
CA ASN B 147 7.51 20.41 15.27
C ASN B 147 7.33 19.63 16.56
N VAL B 148 8.24 18.69 16.77
CA VAL B 148 8.25 17.85 17.96
C VAL B 148 9.58 18.20 18.63
N LEU B 149 9.48 18.77 19.83
CA LEU B 149 10.63 19.16 20.62
C LEU B 149 11.09 18.00 21.53
N VAL B 150 12.39 17.94 21.78
CA VAL B 150 13.01 16.93 22.64
C VAL B 150 13.14 17.56 24.05
N LYS B 151 12.46 17.02 25.09
CA LYS B 151 12.66 17.56 26.45
C LYS B 151 13.89 16.91 27.05
N THR B 152 13.96 15.60 26.89
CA THR B 152 15.11 14.72 27.17
C THR B 152 14.97 13.76 26.00
N PRO B 153 15.97 12.92 25.75
CA PRO B 153 15.88 11.99 24.61
C PRO B 153 14.78 10.94 24.80
N GLN B 154 14.18 10.89 25.99
CA GLN B 154 13.15 9.89 26.22
C GLN B 154 11.82 10.55 26.47
N HIS B 155 11.73 11.84 26.21
CA HIS B 155 10.48 12.57 26.43
C HIS B 155 10.36 13.71 25.44
N VAL B 156 9.41 13.59 24.51
CA VAL B 156 9.18 14.62 23.45
C VAL B 156 7.84 15.29 23.56
N LYS B 157 7.80 16.55 23.17
CA LYS B 157 6.58 17.36 23.21
C LYS B 157 6.24 18.01 21.84
N ILE B 158 4.97 17.96 21.43
CA ILE B 158 4.54 18.62 20.19
C ILE B 158 4.29 20.12 20.37
N THR B 159 4.80 20.90 19.43
CA THR B 159 4.54 22.32 19.48
C THR B 159 3.82 22.84 18.24
N ASP B 160 3.58 24.13 18.24
CA ASP B 160 2.99 24.76 17.08
C ASP B 160 1.69 24.21 16.53
N PHE B 161 0.77 23.86 17.42
CA PHE B 161 -0.54 23.48 16.94
C PHE B 161 -1.35 24.76 16.80
N GLY B 162 -2.03 24.91 15.67
CA GLY B 162 -2.84 26.08 15.42
C GLY B 162 -2.07 27.36 15.12
N LEU B 163 -0.76 27.24 14.92
CA LEU B 163 0.11 28.38 14.62
C LEU B 163 -0.36 29.11 13.37
N LYS B 180 5.93 28.77 4.03
CA LYS B 180 5.15 28.11 2.96
C LYS B 180 4.42 26.86 3.46
N VAL B 181 3.61 26.28 2.58
CA VAL B 181 2.80 25.12 2.89
C VAL B 181 3.51 23.79 2.65
N PRO B 182 3.66 22.97 3.72
CA PRO B 182 4.34 21.67 3.73
C PRO B 182 3.57 20.64 2.95
N ILE B 183 3.48 20.87 1.63
CA ILE B 183 2.75 19.99 0.74
C ILE B 183 3.16 18.55 0.97
N LYS B 184 4.45 18.36 1.18
CA LYS B 184 4.99 17.02 1.37
C LYS B 184 4.55 16.35 2.69
N TRP B 185 3.82 17.09 3.51
CA TRP B 185 3.33 16.56 4.77
C TRP B 185 1.83 16.51 4.79
N MET B 186 1.22 17.28 3.90
CA MET B 186 -0.23 17.39 3.83
C MET B 186 -0.98 16.21 3.20
N ALA B 187 -2.15 15.93 3.76
CA ALA B 187 -3.03 14.91 3.24
C ALA B 187 -3.63 15.49 1.92
N LEU B 188 -4.06 14.60 1.02
CA LEU B 188 -4.61 15.02 -0.25
C LEU B 188 -5.71 16.08 -0.23
N GLU B 189 -6.68 15.91 0.66
CA GLU B 189 -7.77 16.88 0.79
C GLU B 189 -7.29 18.23 1.29
N SER B 190 -6.23 18.22 2.09
CA SER B 190 -5.66 19.43 2.64
C SER B 190 -5.05 20.17 1.45
N ILE B 191 -4.40 19.40 0.58
CA ILE B 191 -3.77 19.94 -0.61
C ILE B 191 -4.80 20.42 -1.63
N LEU B 192 -5.81 19.60 -1.88
CA LEU B 192 -6.85 19.92 -2.85
C LEU B 192 -7.88 20.92 -2.37
N HIS B 193 -8.24 20.85 -1.10
CA HIS B 193 -9.30 21.73 -0.64
C HIS B 193 -9.05 22.53 0.62
N ARG B 194 -7.84 22.44 1.15
CA ARG B 194 -7.54 23.17 2.37
C ARG B 194 -8.49 22.70 3.47
N ILE B 195 -8.80 21.41 3.44
CA ILE B 195 -9.61 20.79 4.46
C ILE B 195 -8.60 20.27 5.48
N TYR B 196 -8.80 20.67 6.73
CA TYR B 196 -7.92 20.23 7.83
C TYR B 196 -8.74 19.60 8.96
N THR B 197 -8.45 18.33 9.23
CA THR B 197 -9.14 17.61 10.28
C THR B 197 -8.16 16.79 11.11
N HIS B 198 -8.67 16.10 12.11
CA HIS B 198 -7.85 15.20 12.90
C HIS B 198 -7.34 14.05 12.03
N GLN B 199 -8.12 13.74 10.99
CA GLN B 199 -7.74 12.68 10.03
C GLN B 199 -6.61 13.13 9.11
N SER B 200 -6.58 14.42 8.80
CA SER B 200 -5.47 14.95 8.01
C SER B 200 -4.20 15.05 8.90
N ASP B 201 -4.37 15.21 10.21
CA ASP B 201 -3.23 15.19 11.13
C ASP B 201 -2.68 13.78 11.19
N VAL B 202 -3.56 12.80 11.03
CA VAL B 202 -3.09 11.42 11.01
C VAL B 202 -2.13 11.21 9.82
N TRP B 203 -2.49 11.71 8.65
CA TRP B 203 -1.63 11.62 7.47
C TRP B 203 -0.26 12.18 7.80
N SER B 204 -0.23 13.44 8.25
CA SER B 204 1.01 14.14 8.59
C SER B 204 1.80 13.38 9.61
N TYR B 205 1.07 12.67 10.48
CA TYR B 205 1.70 11.86 11.53
C TYR B 205 2.49 10.69 10.90
N GLY B 206 1.89 10.05 9.90
CA GLY B 206 2.58 9.02 9.17
C GLY B 206 3.84 9.52 8.52
N VAL B 207 3.84 10.76 8.03
CA VAL B 207 5.04 11.33 7.39
C VAL B 207 6.09 11.55 8.48
N THR B 208 5.65 12.10 9.62
CA THR B 208 6.53 12.32 10.76
C THR B 208 7.26 11.04 11.13
N VAL B 209 6.48 9.96 11.30
CA VAL B 209 7.04 8.65 11.64
C VAL B 209 8.07 8.24 10.59
N TRP B 210 7.71 8.44 9.30
CA TRP B 210 8.62 8.17 8.18
C TRP B 210 9.94 8.92 8.31
N GLU B 211 9.89 10.22 8.63
CA GLU B 211 11.12 11.02 8.84
C GLU B 211 11.97 10.39 9.93
N LEU B 212 11.34 9.95 11.02
CA LEU B 212 12.05 9.36 12.13
C LEU B 212 12.72 8.10 11.70
N MET B 213 11.94 7.21 11.05
CA MET B 213 12.42 5.88 10.59
C MET B 213 13.52 5.94 9.56
N THR B 214 13.63 7.08 8.89
CA THR B 214 14.68 7.31 7.89
C THR B 214 15.82 8.16 8.47
N PHE B 215 15.67 8.56 9.72
CA PHE B 215 16.67 9.39 10.38
C PHE B 215 16.81 10.75 9.78
N GLY B 216 15.67 11.38 9.56
CA GLY B 216 15.58 12.74 9.08
C GLY B 216 15.72 12.94 7.59
N SER B 217 15.21 12.00 6.79
CA SER B 217 15.29 12.14 5.34
C SER B 217 14.18 13.06 4.89
N LYS B 218 14.34 13.67 3.73
CA LYS B 218 13.33 14.57 3.21
C LYS B 218 12.27 13.77 2.49
N PRO B 219 10.99 13.98 2.83
CA PRO B 219 10.01 13.17 2.09
C PRO B 219 9.93 13.57 0.62
N TYR B 220 9.87 12.57 -0.26
CA TYR B 220 9.78 12.81 -1.72
C TYR B 220 10.97 13.63 -2.25
N ASP B 221 12.17 13.27 -1.82
CA ASP B 221 13.36 14.04 -2.22
C ASP B 221 13.50 14.18 -3.73
N GLY B 222 13.30 15.39 -4.23
CA GLY B 222 13.43 15.64 -5.64
C GLY B 222 12.11 16.02 -6.26
N ILE B 223 11.06 15.24 -6.03
CA ILE B 223 9.74 15.57 -6.56
C ILE B 223 9.24 16.96 -6.18
N PRO B 224 8.82 17.76 -7.16
CA PRO B 224 8.34 19.11 -6.86
C PRO B 224 6.98 18.99 -6.19
N ALA B 225 6.70 19.91 -5.26
CA ALA B 225 5.45 19.92 -4.52
C ALA B 225 4.26 19.97 -5.48
N SER B 226 4.45 20.72 -6.57
CA SER B 226 3.43 20.91 -7.60
C SER B 226 2.94 19.60 -8.16
N GLU B 227 3.77 18.58 -7.98
CA GLU B 227 3.49 17.25 -8.48
C GLU B 227 3.00 16.24 -7.44
N ILE B 228 2.94 16.62 -6.15
CA ILE B 228 2.50 15.68 -5.12
C ILE B 228 1.03 15.18 -5.18
N SER B 229 0.08 16.09 -5.39
CA SER B 229 -1.34 15.69 -5.50
C SER B 229 -1.50 14.55 -6.54
N SER B 230 -0.76 14.70 -7.65
CA SER B 230 -0.73 13.73 -8.75
C SER B 230 -0.31 12.32 -8.34
N ILE B 231 0.88 12.15 -7.77
CA ILE B 231 1.31 10.81 -7.35
C ILE B 231 0.44 10.19 -6.23
N LEU B 232 -0.03 11.05 -5.32
CA LEU B 232 -0.90 10.57 -4.28
C LEU B 232 -2.13 10.02 -4.94
N GLU B 233 -2.65 10.78 -5.90
CA GLU B 233 -3.89 10.42 -6.61
C GLU B 233 -3.68 9.10 -7.37
N LYS B 234 -2.56 9.05 -8.07
CA LYS B 234 -2.15 7.91 -8.85
C LYS B 234 -1.86 6.67 -7.99
N GLY B 235 -2.04 6.77 -6.66
CA GLY B 235 -1.80 5.66 -5.74
C GLY B 235 -0.38 5.57 -5.18
N GLU B 236 0.40 6.64 -5.35
CA GLU B 236 1.77 6.67 -4.89
C GLU B 236 2.09 7.24 -3.48
N ARG B 237 2.97 6.54 -2.74
CA ARG B 237 3.36 6.91 -1.38
C ARG B 237 4.89 6.95 -1.10
N LEU B 238 5.26 7.38 0.11
CA LEU B 238 6.67 7.42 0.51
C LEU B 238 7.16 5.98 0.64
N PRO B 239 8.42 5.73 0.27
CA PRO B 239 9.00 4.38 0.30
C PRO B 239 9.19 3.78 1.70
N GLN B 240 9.09 2.46 1.80
CA GLN B 240 9.29 1.80 3.06
C GLN B 240 10.74 1.97 3.50
N PRO B 241 10.96 2.48 4.73
CA PRO B 241 12.31 2.68 5.25
C PRO B 241 12.95 1.31 5.48
N PRO B 242 14.24 1.18 5.16
CA PRO B 242 14.96 -0.08 5.32
C PRO B 242 14.86 -0.70 6.73
N ILE B 243 14.73 0.13 7.76
CA ILE B 243 14.71 -0.40 9.12
C ILE B 243 13.37 -0.99 9.55
N CYS B 244 12.31 -0.59 8.84
CA CYS B 244 10.94 -1.01 9.16
C CYS B 244 10.50 -2.37 8.64
N THR B 245 9.82 -3.10 9.52
CA THR B 245 9.16 -4.35 9.16
C THR B 245 7.78 -3.98 8.59
N ILE B 246 7.19 -4.93 7.88
CA ILE B 246 5.94 -4.70 7.20
C ILE B 246 4.81 -4.20 8.09
N ASP B 247 4.73 -4.67 9.34
CA ASP B 247 3.70 -4.21 10.27
C ASP B 247 3.86 -2.70 10.55
N VAL B 248 5.11 -2.24 10.61
CA VAL B 248 5.45 -0.84 10.87
C VAL B 248 5.10 -0.04 9.60
N TYR B 249 5.67 -0.42 8.45
CA TYR B 249 5.31 0.22 7.18
C TYR B 249 3.79 0.16 6.90
N MET B 250 3.14 -0.93 7.24
CA MET B 250 1.70 -1.08 7.04
C MET B 250 0.96 0.04 7.73
N ILE B 251 1.37 0.36 8.95
CA ILE B 251 0.75 1.44 9.74
C ILE B 251 0.91 2.78 9.03
N MET B 252 2.15 3.11 8.68
CA MET B 252 2.45 4.33 7.95
C MET B 252 1.51 4.41 6.75
N ARG B 253 1.54 3.34 5.95
CA ARG B 253 0.70 3.22 4.75
C ARG B 253 -0.80 3.46 5.00
N LYS B 254 -1.31 2.98 6.12
CA LYS B 254 -2.72 3.17 6.46
C LYS B 254 -3.05 4.66 6.74
N CYS B 255 -2.04 5.38 7.23
CA CYS B 255 -2.16 6.80 7.54
C CYS B 255 -2.33 7.60 6.26
N TRP B 256 -1.88 7.04 5.14
CA TRP B 256 -2.03 7.72 3.86
C TRP B 256 -3.16 7.27 2.94
N MET B 257 -4.22 6.67 3.48
CA MET B 257 -5.37 6.32 2.68
C MET B 257 -5.92 7.65 2.16
N ILE B 258 -6.62 7.58 1.01
CA ILE B 258 -7.26 8.74 0.41
C ILE B 258 -8.51 9.05 1.20
N ASP B 259 -9.18 8.00 1.61
CA ASP B 259 -10.38 8.12 2.42
C ASP B 259 -10.00 8.38 3.88
N ALA B 260 -10.19 9.63 4.30
CA ALA B 260 -9.81 10.07 5.62
C ALA B 260 -10.35 9.14 6.69
N ASP B 261 -11.62 8.77 6.54
CA ASP B 261 -12.25 7.95 7.55
C ASP B 261 -11.74 6.52 7.67
N SER B 262 -10.94 6.09 6.72
CA SER B 262 -10.38 4.75 6.79
C SER B 262 -8.95 4.78 7.30
N ARG B 263 -8.49 5.98 7.64
CA ARG B 263 -7.17 6.16 8.23
C ARG B 263 -7.25 5.81 9.72
N PRO B 264 -6.14 5.34 10.32
CA PRO B 264 -6.28 5.01 11.73
C PRO B 264 -6.51 6.23 12.63
N LYS B 265 -7.02 5.97 13.82
CA LYS B 265 -7.21 7.03 14.80
C LYS B 265 -5.98 7.03 15.71
N PHE B 266 -5.69 8.18 16.29
CA PHE B 266 -4.52 8.31 17.15
C PHE B 266 -4.59 7.31 18.29
N ARG B 267 -5.81 7.04 18.77
CA ARG B 267 -6.07 6.04 19.81
C ARG B 267 -5.50 4.70 19.34
N GLU B 268 -5.86 4.31 18.13
CA GLU B 268 -5.40 3.05 17.59
C GLU B 268 -3.90 3.10 17.48
N LEU B 269 -3.38 4.26 17.07
CA LEU B 269 -1.93 4.44 16.86
C LEU B 269 -1.08 4.30 18.15
N ILE B 270 -1.64 4.81 19.25
CA ILE B 270 -1.01 4.70 20.56
C ILE B 270 -0.93 3.21 20.89
N ILE B 271 -2.06 2.53 20.72
CA ILE B 271 -2.15 1.12 21.03
C ILE B 271 -1.15 0.27 20.24
N GLU B 272 -1.19 0.41 18.92
CA GLU B 272 -0.36 -0.37 18.01
C GLU B 272 1.14 -0.20 18.26
N PHE B 273 1.58 1.05 18.44
CA PHE B 273 2.98 1.31 18.64
C PHE B 273 3.43 0.92 20.03
N SER B 274 2.49 0.97 20.97
CA SER B 274 2.75 0.64 22.35
C SER B 274 3.10 -0.85 22.36
N LYS B 275 2.33 -1.61 21.60
CA LYS B 275 2.53 -3.03 21.54
C LYS B 275 3.89 -3.34 20.96
N MET B 276 4.26 -2.69 19.84
CA MET B 276 5.56 -2.94 19.24
C MET B 276 6.64 -2.36 20.12
N ALA B 277 6.39 -1.28 20.80
CA ALA B 277 7.48 -0.75 21.60
C ALA B 277 7.88 -1.74 22.74
N ARG B 278 6.95 -2.64 23.11
CA ARG B 278 7.10 -3.65 24.18
C ARG B 278 7.99 -4.81 23.73
N ASP B 279 8.27 -4.84 22.41
CA ASP B 279 9.13 -5.83 21.77
C ASP B 279 9.80 -5.16 20.53
N PRO B 280 10.54 -4.09 20.79
CA PRO B 280 11.14 -3.33 19.68
C PRO B 280 11.77 -4.13 18.55
N GLN B 281 12.79 -4.93 18.85
CA GLN B 281 13.52 -5.61 17.80
C GLN B 281 12.73 -6.49 16.87
N ARG B 282 11.51 -6.86 17.26
CA ARG B 282 10.66 -7.62 16.34
C ARG B 282 10.10 -6.69 15.27
N TYR B 283 10.12 -5.39 15.54
CA TYR B 283 9.54 -4.42 14.62
C TYR B 283 10.47 -3.50 13.88
N LEU B 284 11.66 -3.29 14.40
CA LEU B 284 12.60 -2.43 13.71
C LEU B 284 13.91 -3.20 13.57
N VAL B 285 14.45 -3.16 12.37
CA VAL B 285 15.70 -3.85 12.11
C VAL B 285 16.81 -2.86 11.93
N ILE B 286 17.59 -2.69 12.98
CA ILE B 286 18.70 -1.75 12.97
C ILE B 286 19.96 -2.53 13.30
N GLN B 287 21.05 -2.22 12.63
CA GLN B 287 22.32 -2.88 12.93
C GLN B 287 22.94 -2.20 14.17
N GLY B 288 22.77 -2.83 15.33
CA GLY B 288 23.22 -2.32 16.61
C GLY B 288 22.24 -2.62 17.74
N LEU C 9 1.27 -36.36 -27.89
CA LEU C 9 2.30 -35.31 -27.93
C LEU C 9 3.58 -35.61 -28.76
N ARG C 10 3.97 -34.67 -29.63
CA ARG C 10 5.14 -34.78 -30.50
C ARG C 10 6.43 -34.27 -29.90
N ILE C 11 7.45 -35.11 -29.90
CA ILE C 11 8.77 -34.71 -29.45
C ILE C 11 9.44 -34.15 -30.70
N LEU C 12 9.86 -32.89 -30.62
CA LEU C 12 10.43 -32.23 -31.78
C LEU C 12 11.93 -32.07 -31.71
N LYS C 13 12.53 -32.03 -32.91
CA LYS C 13 13.95 -31.76 -33.08
C LYS C 13 14.01 -30.33 -33.58
N GLU C 14 14.99 -29.58 -33.09
CA GLU C 14 15.09 -28.18 -33.45
C GLU C 14 15.03 -27.95 -34.97
N THR C 15 15.32 -29.01 -35.72
CA THR C 15 15.35 -28.94 -37.18
C THR C 15 13.95 -28.95 -37.78
N GLU C 16 12.98 -29.41 -36.97
CA GLU C 16 11.57 -29.50 -37.37
C GLU C 16 10.78 -28.18 -37.25
N PHE C 17 11.25 -27.26 -36.41
CA PHE C 17 10.52 -26.02 -36.24
C PHE C 17 11.43 -24.81 -36.15
N LYS C 18 10.82 -23.63 -36.07
CA LYS C 18 11.62 -22.42 -35.94
C LYS C 18 10.81 -21.27 -35.37
N LYS C 19 11.40 -20.54 -34.40
CA LYS C 19 10.78 -19.36 -33.82
C LYS C 19 10.92 -18.23 -34.82
N ILE C 20 9.86 -17.47 -35.01
CA ILE C 20 9.84 -16.42 -36.00
C ILE C 20 9.74 -15.00 -35.37
N LYS C 21 8.79 -14.81 -34.44
CA LYS C 21 8.64 -13.51 -33.76
C LYS C 21 8.36 -13.78 -32.29
N VAL C 22 8.65 -12.79 -31.45
CA VAL C 22 8.32 -12.89 -30.04
C VAL C 22 6.92 -12.29 -29.98
N LEU C 23 6.04 -12.93 -29.23
CA LEU C 23 4.67 -12.45 -29.12
C LEU C 23 4.44 -11.82 -27.76
N GLY C 24 5.15 -12.32 -26.76
CA GLY C 24 5.00 -11.83 -25.41
C GLY C 24 5.87 -12.60 -24.45
N SER C 25 5.99 -12.09 -23.24
CA SER C 25 6.84 -12.72 -22.23
C SER C 25 6.11 -12.74 -20.89
N GLY C 26 6.21 -13.87 -20.19
CA GLY C 26 5.56 -14.05 -18.93
C GLY C 26 6.58 -14.38 -17.86
N ALA C 27 6.12 -14.53 -16.64
CA ALA C 27 7.04 -14.85 -15.57
C ALA C 27 7.82 -16.13 -15.87
N PHE C 28 7.15 -17.11 -16.47
CA PHE C 28 7.78 -18.39 -16.68
C PHE C 28 8.49 -18.67 -18.02
N GLY C 29 8.19 -17.86 -19.02
CA GLY C 29 8.81 -18.03 -20.32
C GLY C 29 8.44 -16.97 -21.35
N THR C 30 8.89 -17.20 -22.58
CA THR C 30 8.57 -16.31 -23.68
C THR C 30 7.74 -17.04 -24.73
N VAL C 31 6.82 -16.29 -25.36
CA VAL C 31 5.94 -16.85 -26.37
C VAL C 31 6.32 -16.34 -27.74
N TYR C 32 6.49 -17.30 -28.66
CA TYR C 32 6.85 -17.03 -30.05
C TYR C 32 5.82 -17.55 -31.04
N LYS C 33 5.79 -16.89 -32.20
CA LYS C 33 5.04 -17.40 -33.31
C LYS C 33 6.16 -18.25 -33.91
N GLY C 34 5.88 -19.48 -34.29
CA GLY C 34 6.89 -20.36 -34.86
C GLY C 34 6.44 -21.05 -36.14
N LEU C 35 7.33 -21.83 -36.74
CA LEU C 35 7.00 -22.57 -37.96
C LEU C 35 7.22 -24.05 -37.74
N TRP C 36 6.32 -24.85 -38.27
CA TRP C 36 6.44 -26.30 -38.13
C TRP C 36 6.69 -26.84 -39.53
N ILE C 37 7.90 -27.33 -39.78
CA ILE C 37 8.29 -27.82 -41.09
C ILE C 37 8.13 -29.31 -41.16
N PRO C 38 6.99 -29.80 -41.68
CA PRO C 38 6.87 -31.26 -41.79
C PRO C 38 7.90 -31.78 -42.80
N GLU C 39 8.65 -32.81 -42.42
CA GLU C 39 9.69 -33.34 -43.31
C GLU C 39 9.15 -34.02 -44.58
N GLY C 40 9.71 -33.62 -45.70
CA GLY C 40 9.27 -34.12 -46.99
C GLY C 40 8.35 -33.15 -47.69
N GLU C 41 7.95 -32.08 -47.00
CA GLU C 41 7.03 -31.12 -47.59
C GLU C 41 7.54 -29.70 -47.64
N LYS C 42 7.02 -28.96 -48.61
CA LYS C 42 7.40 -27.56 -48.80
C LYS C 42 6.45 -26.56 -48.12
N VAL C 43 5.75 -27.04 -47.09
CA VAL C 43 4.83 -26.21 -46.32
C VAL C 43 5.37 -25.98 -44.90
N LYS C 44 5.29 -24.74 -44.42
CA LYS C 44 5.70 -24.41 -43.06
C LYS C 44 4.42 -24.02 -42.31
N ILE C 45 4.01 -24.86 -41.37
CA ILE C 45 2.81 -24.66 -40.57
C ILE C 45 3.01 -23.85 -39.27
N PRO C 46 2.33 -22.69 -39.17
CA PRO C 46 2.39 -21.82 -37.98
C PRO C 46 2.04 -22.54 -36.68
N VAL C 47 2.82 -22.29 -35.64
CA VAL C 47 2.56 -22.85 -34.33
C VAL C 47 2.86 -21.78 -33.28
N ALA C 48 2.49 -22.05 -32.02
CA ALA C 48 2.79 -21.16 -30.93
C ALA C 48 3.85 -21.93 -30.14
N ILE C 49 4.97 -21.28 -29.82
CA ILE C 49 6.02 -21.93 -29.05
C ILE C 49 6.23 -21.14 -27.78
N LYS C 50 6.27 -21.84 -26.65
CA LYS C 50 6.57 -21.20 -25.37
C LYS C 50 7.88 -21.74 -24.87
N GLU C 51 8.90 -20.89 -24.87
CA GLU C 51 10.21 -21.27 -24.37
C GLU C 51 10.38 -20.91 -22.91
N LEU C 52 10.55 -21.93 -22.07
CA LEU C 52 10.67 -21.73 -20.63
C LEU C 52 12.05 -21.33 -20.14
N ARG C 53 12.04 -20.54 -19.08
CA ARG C 53 13.25 -20.03 -18.42
C ARG C 53 13.74 -21.13 -17.48
N GLU C 54 14.82 -21.82 -17.86
CA GLU C 54 15.36 -22.91 -17.05
C GLU C 54 16.37 -22.39 -16.03
N ALA C 60 15.25 -32.78 -14.42
CA ALA C 60 15.71 -33.67 -15.48
C ALA C 60 14.63 -33.86 -16.52
N ASN C 61 15.06 -34.15 -17.75
CA ASN C 61 14.13 -34.29 -18.86
C ASN C 61 13.08 -35.39 -18.76
N LYS C 62 13.45 -36.56 -18.26
CA LYS C 62 12.46 -37.62 -18.13
C LYS C 62 11.39 -37.16 -17.14
N GLU C 63 11.81 -36.38 -16.14
CA GLU C 63 10.90 -35.84 -15.13
C GLU C 63 10.01 -34.73 -15.71
N ILE C 64 10.51 -34.06 -16.76
CA ILE C 64 9.75 -33.02 -17.47
C ILE C 64 8.77 -33.67 -18.46
N LEU C 65 9.26 -34.73 -19.14
CA LEU C 65 8.50 -35.50 -20.11
C LEU C 65 7.29 -36.12 -19.45
N ASP C 66 7.46 -36.67 -18.26
CA ASP C 66 6.35 -37.27 -17.52
C ASP C 66 5.17 -36.31 -17.40
N GLU C 67 5.46 -35.04 -17.17
CA GLU C 67 4.43 -34.02 -17.00
C GLU C 67 3.75 -33.65 -18.32
N ALA C 68 4.57 -33.23 -19.27
CA ALA C 68 4.13 -32.88 -20.61
C ALA C 68 3.12 -33.91 -21.10
N TYR C 69 3.43 -35.18 -20.92
CA TYR C 69 2.52 -36.22 -21.36
C TYR C 69 1.16 -36.03 -20.69
N VAL C 70 1.20 -35.50 -19.46
CA VAL C 70 -0.02 -35.28 -18.70
C VAL C 70 -0.76 -34.09 -19.24
N MET C 71 -0.03 -32.99 -19.47
CA MET C 71 -0.61 -31.75 -20.02
C MET C 71 -0.97 -31.81 -21.51
N ALA C 72 -0.80 -32.98 -22.12
CA ALA C 72 -1.15 -33.15 -23.53
C ALA C 72 -2.32 -34.15 -23.60
N SER C 73 -2.56 -34.79 -22.46
CA SER C 73 -3.64 -35.73 -22.27
C SER C 73 -4.96 -34.99 -22.09
N VAL C 74 -4.84 -33.70 -21.76
CA VAL C 74 -6.03 -32.88 -21.51
C VAL C 74 -6.90 -32.73 -22.73
N ASP C 75 -8.19 -32.97 -22.53
CA ASP C 75 -9.14 -32.85 -23.63
C ASP C 75 -10.45 -32.12 -23.22
N ASN C 76 -10.40 -30.81 -23.28
CA ASN C 76 -11.58 -30.02 -22.97
C ASN C 76 -11.55 -28.81 -23.88
N PRO C 77 -12.71 -28.38 -24.36
CA PRO C 77 -12.71 -27.22 -25.26
C PRO C 77 -12.17 -25.95 -24.60
N HIS C 78 -12.09 -25.98 -23.27
CA HIS C 78 -11.66 -24.80 -22.55
C HIS C 78 -10.40 -25.00 -21.78
N VAL C 79 -9.65 -26.01 -22.18
CA VAL C 79 -8.35 -26.23 -21.60
C VAL C 79 -7.38 -26.38 -22.79
N CYS C 80 -6.36 -25.54 -22.79
CA CYS C 80 -5.38 -25.53 -23.84
C CYS C 80 -4.48 -26.76 -23.70
N ARG C 81 -4.36 -27.54 -24.79
CA ARG C 81 -3.58 -28.79 -24.80
C ARG C 81 -2.14 -28.64 -25.28
N LEU C 82 -1.21 -29.32 -24.62
CA LEU C 82 0.18 -29.32 -25.14
C LEU C 82 0.25 -30.24 -26.38
N LEU C 83 0.84 -29.74 -27.47
CA LEU C 83 0.93 -30.55 -28.69
C LEU C 83 2.31 -31.13 -28.94
N GLY C 84 3.31 -30.29 -28.69
CA GLY C 84 4.69 -30.62 -28.94
C GLY C 84 5.61 -30.10 -27.86
N ILE C 85 6.80 -30.69 -27.83
CA ILE C 85 7.84 -30.34 -26.87
C ILE C 85 9.22 -30.61 -27.47
N CYS C 86 10.13 -29.71 -27.17
CA CYS C 86 11.49 -29.83 -27.63
C CYS C 86 12.37 -29.57 -26.42
N LEU C 87 13.05 -30.63 -25.97
CA LEU C 87 13.91 -30.56 -24.79
C LEU C 87 15.38 -30.45 -25.13
N THR C 88 15.89 -29.23 -25.09
CA THR C 88 17.30 -28.97 -25.41
C THR C 88 17.96 -28.31 -24.20
N SER C 89 18.65 -27.20 -24.43
CA SER C 89 19.22 -26.43 -23.34
C SER C 89 17.97 -25.90 -22.60
N THR C 90 17.05 -25.37 -23.40
CA THR C 90 15.77 -24.85 -22.92
C THR C 90 14.62 -25.84 -23.22
N VAL C 91 13.51 -25.66 -22.52
CA VAL C 91 12.32 -26.49 -22.71
C VAL C 91 11.30 -25.67 -23.50
N GLN C 92 10.87 -26.22 -24.64
CA GLN C 92 9.91 -25.55 -25.50
C GLN C 92 8.60 -26.31 -25.64
N LEU C 93 7.50 -25.59 -25.40
CA LEU C 93 6.16 -26.14 -25.50
C LEU C 93 5.46 -25.60 -26.74
N ILE C 94 4.87 -26.50 -27.51
CA ILE C 94 4.19 -26.13 -28.75
C ILE C 94 2.69 -26.38 -28.66
N THR C 95 1.93 -25.45 -29.24
CA THR C 95 0.49 -25.58 -29.33
C THR C 95 -0.01 -24.84 -30.54
N GLN C 96 -1.29 -25.01 -30.82
CA GLN C 96 -1.92 -24.37 -31.96
C GLN C 96 -1.88 -22.87 -31.72
N LEU C 97 -1.40 -22.13 -32.71
CA LEU C 97 -1.28 -20.68 -32.59
C LEU C 97 -2.66 -20.09 -32.66
N MET C 98 -2.92 -19.13 -31.81
CA MET C 98 -4.21 -18.44 -31.84
C MET C 98 -3.86 -17.00 -32.11
N PRO C 99 -4.71 -16.30 -32.84
CA PRO C 99 -4.51 -14.92 -33.26
C PRO C 99 -4.70 -13.90 -32.18
N PHE C 100 -5.22 -14.36 -31.03
CA PHE C 100 -5.61 -13.45 -29.96
C PHE C 100 -4.81 -13.28 -28.67
N GLY C 101 -3.84 -14.13 -28.37
CA GLY C 101 -3.16 -13.95 -27.09
C GLY C 101 -4.09 -14.09 -25.87
N CYS C 102 -3.61 -13.63 -24.72
CA CYS C 102 -4.38 -13.72 -23.47
C CYS C 102 -5.69 -12.87 -23.31
N LEU C 103 -6.58 -13.33 -22.45
CA LEU C 103 -7.84 -12.61 -22.18
C LEU C 103 -7.59 -11.24 -21.55
N LEU C 104 -6.59 -11.17 -20.68
CA LEU C 104 -6.25 -9.93 -19.99
C LEU C 104 -6.07 -8.75 -20.97
N ASP C 105 -5.18 -8.94 -21.94
CA ASP C 105 -4.94 -7.93 -22.95
C ASP C 105 -6.21 -7.66 -23.76
N TYR C 106 -6.87 -8.72 -24.14
CA TYR C 106 -8.08 -8.57 -24.93
C TYR C 106 -9.06 -7.63 -24.26
N VAL C 107 -9.37 -7.90 -22.99
CA VAL C 107 -10.29 -7.03 -22.26
C VAL C 107 -9.74 -5.63 -22.06
N ARG C 108 -8.42 -5.48 -21.92
CA ARG C 108 -7.87 -4.13 -21.79
C ARG C 108 -8.07 -3.39 -23.09
N GLU C 109 -7.79 -4.07 -24.21
CA GLU C 109 -7.98 -3.47 -25.55
C GLU C 109 -9.41 -3.07 -25.82
N HIS C 110 -10.36 -3.79 -25.30
CA HIS C 110 -11.76 -3.45 -25.53
C HIS C 110 -12.33 -3.00 -24.21
N LYS C 111 -11.53 -2.19 -23.51
CA LYS C 111 -11.85 -1.65 -22.19
C LYS C 111 -13.30 -1.45 -21.87
N ASP C 112 -13.98 -0.48 -22.46
CA ASP C 112 -15.37 -0.40 -22.01
C ASP C 112 -16.44 -0.81 -23.04
N ASN C 113 -15.98 -1.34 -24.17
CA ASN C 113 -16.90 -1.75 -25.24
C ASN C 113 -17.09 -3.28 -25.36
N ILE C 114 -17.01 -3.98 -24.22
CA ILE C 114 -17.26 -5.43 -24.20
C ILE C 114 -18.64 -5.70 -23.63
N GLY C 115 -19.37 -6.60 -24.31
CA GLY C 115 -20.74 -7.01 -24.00
C GLY C 115 -20.94 -7.86 -22.74
N SER C 116 -22.09 -7.67 -22.12
CA SER C 116 -22.39 -8.40 -20.89
C SER C 116 -22.41 -9.89 -21.14
N GLN C 117 -22.87 -10.30 -22.33
CA GLN C 117 -22.97 -11.71 -22.72
C GLN C 117 -21.59 -12.36 -22.77
N TYR C 118 -20.62 -11.61 -23.27
CA TYR C 118 -19.24 -12.06 -23.41
C TYR C 118 -18.57 -12.27 -22.07
N LEU C 119 -18.61 -11.20 -21.28
CA LEU C 119 -18.05 -11.21 -19.97
C LEU C 119 -18.49 -12.44 -19.15
N LEU C 120 -19.79 -12.68 -19.07
CA LEU C 120 -20.32 -13.81 -18.31
C LEU C 120 -20.02 -15.18 -18.90
N ASN C 121 -20.00 -15.25 -20.23
CA ASN C 121 -19.69 -16.49 -20.94
C ASN C 121 -18.27 -16.96 -20.65
N TRP C 122 -17.36 -15.99 -20.55
CA TRP C 122 -15.95 -16.25 -20.27
C TRP C 122 -15.88 -16.82 -18.89
N CYS C 123 -16.77 -16.34 -18.03
CA CYS C 123 -16.82 -16.80 -16.65
C CYS C 123 -17.19 -18.27 -16.57
N VAL C 124 -18.21 -18.67 -17.35
CA VAL C 124 -18.69 -20.05 -17.44
C VAL C 124 -17.62 -20.94 -18.09
N GLN C 125 -17.02 -20.43 -19.18
CA GLN C 125 -15.99 -21.17 -19.86
C GLN C 125 -14.79 -21.43 -18.96
N ILE C 126 -14.42 -20.43 -18.16
CA ILE C 126 -13.25 -20.57 -17.30
C ILE C 126 -13.50 -21.58 -16.21
N ALA C 127 -14.76 -21.61 -15.74
CA ALA C 127 -15.19 -22.56 -14.70
C ALA C 127 -15.33 -24.00 -15.25
N LYS C 128 -15.84 -24.13 -16.47
CA LYS C 128 -15.91 -25.45 -17.09
C LYS C 128 -14.50 -26.01 -17.26
N GLY C 129 -13.57 -25.18 -17.68
CA GLY C 129 -12.20 -25.60 -17.84
C GLY C 129 -11.58 -26.02 -16.52
N MET C 130 -11.82 -25.21 -15.49
CA MET C 130 -11.31 -25.44 -14.14
C MET C 130 -11.92 -26.72 -13.54
N ASN C 131 -13.19 -26.92 -13.81
CA ASN C 131 -13.89 -28.12 -13.36
C ASN C 131 -13.36 -29.40 -14.12
N TYR C 132 -12.96 -29.25 -15.37
CA TYR C 132 -12.37 -30.37 -16.09
C TYR C 132 -11.10 -30.78 -15.37
N LEU C 133 -10.21 -29.80 -15.18
CA LEU C 133 -8.94 -29.97 -14.45
C LEU C 133 -9.18 -30.53 -13.05
N GLU C 134 -10.20 -30.03 -12.36
CA GLU C 134 -10.49 -30.61 -11.05
C GLU C 134 -10.81 -32.09 -11.21
N ASP C 135 -11.70 -32.41 -12.16
CA ASP C 135 -12.04 -33.83 -12.40
C ASP C 135 -10.82 -34.66 -12.80
N ARG C 136 -9.86 -34.06 -13.51
CA ARG C 136 -8.63 -34.76 -13.85
C ARG C 136 -7.66 -34.76 -12.65
N ARG C 137 -8.08 -34.15 -11.53
CA ARG C 137 -7.23 -34.07 -10.34
C ARG C 137 -5.95 -33.24 -10.56
N LEU C 138 -6.10 -32.14 -11.30
CA LEU C 138 -5.00 -31.23 -11.58
C LEU C 138 -5.29 -29.90 -10.88
N VAL C 139 -4.30 -29.35 -10.20
CA VAL C 139 -4.43 -28.08 -9.54
C VAL C 139 -3.65 -27.12 -10.45
N HIS C 140 -4.28 -25.99 -10.79
CA HIS C 140 -3.66 -24.98 -11.63
C HIS C 140 -2.51 -24.30 -10.93
N ARG C 141 -2.80 -23.78 -9.74
CA ARG C 141 -1.80 -23.06 -8.93
C ARG C 141 -1.51 -21.61 -9.40
N ASP C 142 -1.88 -21.27 -10.64
CA ASP C 142 -1.66 -19.94 -11.17
C ASP C 142 -2.74 -19.49 -12.18
N LEU C 143 -4.00 -19.64 -11.79
CA LEU C 143 -5.09 -19.20 -12.67
C LEU C 143 -5.21 -17.65 -12.58
N ALA C 144 -5.17 -16.99 -13.72
CA ALA C 144 -5.24 -15.52 -13.76
C ALA C 144 -5.68 -15.25 -15.19
N ALA C 145 -6.11 -14.02 -15.50
CA ALA C 145 -6.53 -13.68 -16.89
C ALA C 145 -5.38 -13.85 -17.89
N ARG C 146 -4.19 -13.64 -17.39
CA ARG C 146 -3.01 -13.71 -18.22
C ARG C 146 -2.82 -15.16 -18.64
N ASN C 147 -3.50 -16.08 -17.95
CA ASN C 147 -3.36 -17.50 -18.26
C ASN C 147 -4.55 -18.13 -18.98
N VAL C 148 -5.41 -17.28 -19.51
CA VAL C 148 -6.58 -17.69 -20.25
C VAL C 148 -6.39 -17.11 -21.64
N LEU C 149 -6.25 -17.99 -22.62
CA LEU C 149 -6.04 -17.62 -24.01
C LEU C 149 -7.36 -17.45 -24.75
N VAL C 150 -7.33 -16.68 -25.82
CA VAL C 150 -8.53 -16.35 -26.58
C VAL C 150 -8.47 -16.94 -28.01
N LYS C 151 -9.22 -18.01 -28.24
CA LYS C 151 -9.17 -18.66 -29.53
C LYS C 151 -9.91 -17.75 -30.53
N THR C 152 -11.14 -17.40 -30.14
CA THR C 152 -11.99 -16.43 -30.83
C THR C 152 -12.54 -15.68 -29.64
N PRO C 153 -13.19 -14.54 -29.86
CA PRO C 153 -13.70 -13.77 -28.72
C PRO C 153 -14.83 -14.49 -27.98
N GLN C 154 -15.29 -15.59 -28.51
CA GLN C 154 -16.38 -16.30 -27.87
C GLN C 154 -15.93 -17.68 -27.42
N HIS C 155 -14.64 -17.94 -27.46
CA HIS C 155 -14.10 -19.21 -27.02
C HIS C 155 -12.70 -19.04 -26.42
N VAL C 156 -12.59 -19.24 -25.10
CA VAL C 156 -11.33 -19.13 -24.36
C VAL C 156 -10.84 -20.44 -23.77
N LYS C 157 -9.51 -20.59 -23.66
CA LYS C 157 -8.87 -21.79 -23.15
C LYS C 157 -7.85 -21.47 -22.03
N ILE C 158 -7.92 -22.21 -20.94
CA ILE C 158 -7.01 -22.04 -19.83
C ILE C 158 -5.70 -22.72 -20.23
N THR C 159 -4.58 -22.10 -19.85
CA THR C 159 -3.26 -22.65 -20.14
C THR C 159 -2.40 -22.62 -18.88
N ASP C 160 -1.19 -23.19 -18.97
CA ASP C 160 -0.18 -23.23 -17.89
C ASP C 160 -0.57 -23.84 -16.54
N PHE C 161 -1.36 -24.89 -16.56
CA PHE C 161 -1.64 -25.55 -15.31
C PHE C 161 -0.46 -26.47 -15.02
N GLY C 162 -0.06 -26.53 -13.76
CA GLY C 162 1.05 -27.38 -13.34
C GLY C 162 2.44 -26.91 -13.72
N LEU C 163 2.56 -25.69 -14.26
CA LEU C 163 3.88 -25.15 -14.60
C LEU C 163 4.67 -24.93 -13.30
N LYS C 180 7.96 -15.71 -10.21
CA LYS C 180 7.55 -15.30 -8.87
C LYS C 180 6.13 -15.70 -8.50
N VAL C 181 5.80 -15.48 -7.24
CA VAL C 181 4.50 -15.83 -6.69
C VAL C 181 3.45 -14.71 -6.73
N PRO C 182 2.34 -14.94 -7.47
CA PRO C 182 1.20 -14.03 -7.67
C PRO C 182 0.39 -13.89 -6.39
N ILE C 183 1.00 -13.32 -5.37
CA ILE C 183 0.39 -13.13 -4.08
C ILE C 183 -1.03 -12.57 -4.24
N LYS C 184 -1.18 -11.59 -5.11
CA LYS C 184 -2.47 -10.93 -5.28
C LYS C 184 -3.53 -11.83 -5.92
N TRP C 185 -3.12 -13.06 -6.28
CA TRP C 185 -4.06 -14.02 -6.87
C TRP C 185 -4.24 -15.22 -5.98
N MET C 186 -3.29 -15.41 -5.06
CA MET C 186 -3.32 -16.53 -4.13
C MET C 186 -4.30 -16.46 -2.97
N ALA C 187 -4.85 -17.60 -2.62
CA ALA C 187 -5.72 -17.70 -1.46
C ALA C 187 -4.83 -17.59 -0.21
N LEU C 188 -5.43 -17.18 0.91
CA LEU C 188 -4.69 -16.99 2.16
C LEU C 188 -3.79 -18.14 2.59
N GLU C 189 -4.31 -19.37 2.52
CA GLU C 189 -3.53 -20.53 2.93
C GLU C 189 -2.36 -20.79 1.98
N SER C 190 -2.52 -20.39 0.72
CA SER C 190 -1.43 -20.60 -0.23
C SER C 190 -0.34 -19.63 0.21
N ILE C 191 -0.78 -18.42 0.56
CA ILE C 191 0.16 -17.38 0.98
C ILE C 191 0.84 -17.74 2.29
N LEU C 192 0.03 -18.17 3.26
CA LEU C 192 0.55 -18.50 4.56
C LEU C 192 1.26 -19.86 4.65
N HIS C 193 0.77 -20.86 3.92
CA HIS C 193 1.34 -22.17 4.07
C HIS C 193 1.72 -22.90 2.81
N ARG C 194 1.57 -22.25 1.67
CA ARG C 194 1.93 -22.90 0.42
C ARG C 194 1.04 -24.15 0.25
N ILE C 195 -0.20 -24.03 0.70
CA ILE C 195 -1.18 -25.07 0.54
C ILE C 195 -1.90 -24.77 -0.78
N TYR C 196 -1.91 -25.72 -1.69
CA TYR C 196 -2.57 -25.55 -3.00
C TYR C 196 -3.60 -26.65 -3.27
N THR C 197 -4.85 -26.26 -3.44
CA THR C 197 -5.93 -27.20 -3.69
C THR C 197 -6.88 -26.65 -4.76
N HIS C 198 -7.90 -27.43 -5.10
CA HIS C 198 -8.91 -26.98 -6.04
C HIS C 198 -9.67 -25.80 -5.42
N GLN C 199 -9.72 -25.76 -4.09
CA GLN C 199 -10.37 -24.66 -3.37
C GLN C 199 -9.55 -23.36 -3.43
N SER C 200 -8.24 -23.49 -3.47
CA SER C 200 -7.41 -22.32 -3.64
C SER C 200 -7.51 -21.84 -5.10
N ASP C 201 -7.76 -22.75 -6.03
CA ASP C 201 -7.94 -22.35 -7.43
C ASP C 201 -9.25 -21.58 -7.55
N VAL C 202 -10.21 -21.92 -6.69
CA VAL C 202 -11.48 -21.19 -6.69
C VAL C 202 -11.22 -19.72 -6.33
N TRP C 203 -10.40 -19.48 -5.30
CA TRP C 203 -10.06 -18.12 -4.89
C TRP C 203 -9.51 -17.38 -6.12
N SER C 204 -8.45 -17.91 -6.72
CA SER C 204 -7.78 -17.32 -7.88
C SER C 204 -8.75 -17.08 -9.00
N TYR C 205 -9.77 -17.94 -9.07
CA TYR C 205 -10.80 -17.83 -10.09
C TYR C 205 -11.63 -16.56 -9.84
N GLY C 206 -11.95 -16.29 -8.60
CA GLY C 206 -12.66 -15.08 -8.22
C GLY C 206 -11.86 -13.83 -8.58
N VAL C 207 -10.53 -13.91 -8.45
CA VAL C 207 -9.68 -12.75 -8.83
C VAL C 207 -9.73 -12.59 -10.35
N THR C 208 -9.60 -13.71 -11.06
CA THR C 208 -9.69 -13.70 -12.51
C THR C 208 -10.98 -12.99 -12.98
N VAL C 209 -12.10 -13.41 -12.39
CA VAL C 209 -13.39 -12.83 -12.72
C VAL C 209 -13.36 -11.34 -12.50
N TRP C 210 -12.82 -10.96 -11.32
CA TRP C 210 -12.63 -9.55 -10.95
C TRP C 210 -11.83 -8.76 -12.01
N GLU C 211 -10.71 -9.31 -12.48
CA GLU C 211 -9.94 -8.67 -13.54
C GLU C 211 -10.81 -8.44 -14.76
N LEU C 212 -11.60 -9.45 -15.12
CA LEU C 212 -12.44 -9.33 -16.31
C LEU C 212 -13.45 -8.23 -16.12
N MET C 213 -14.18 -8.28 -14.99
CA MET C 213 -15.23 -7.30 -14.68
C MET C 213 -14.74 -5.86 -14.53
N THR C 214 -13.44 -5.69 -14.28
CA THR C 214 -12.82 -4.37 -14.18
C THR C 214 -12.09 -4.00 -15.49
N PHE C 215 -12.14 -4.90 -16.45
CA PHE C 215 -11.48 -4.69 -17.72
C PHE C 215 -9.98 -4.63 -17.62
N GLY C 216 -9.42 -5.60 -16.88
CA GLY C 216 -7.98 -5.75 -16.74
C GLY C 216 -7.31 -4.84 -15.74
N SER C 217 -7.98 -4.54 -14.63
CA SER C 217 -7.39 -3.70 -13.58
C SER C 217 -6.48 -4.58 -12.76
N LYS C 218 -5.49 -3.97 -12.12
CA LYS C 218 -4.58 -4.71 -11.27
C LYS C 218 -5.22 -4.95 -9.90
N PRO C 219 -5.28 -6.21 -9.44
CA PRO C 219 -5.92 -6.37 -8.12
C PRO C 219 -5.08 -5.69 -7.02
N TYR C 220 -5.76 -4.99 -6.11
CA TYR C 220 -5.10 -4.33 -4.99
C TYR C 220 -4.08 -3.28 -5.46
N ASP C 221 -4.45 -2.47 -6.45
CA ASP C 221 -3.48 -1.51 -6.99
C ASP C 221 -2.87 -0.58 -5.96
N GLY C 222 -1.60 -0.77 -5.68
CA GLY C 222 -0.98 0.11 -4.70
C GLY C 222 -0.49 -0.71 -3.52
N ILE C 223 -1.37 -1.51 -2.94
CA ILE C 223 -0.98 -2.35 -1.80
C ILE C 223 0.18 -3.28 -2.12
N PRO C 224 1.21 -3.29 -1.26
CA PRO C 224 2.37 -4.16 -1.51
C PRO C 224 1.96 -5.58 -1.23
N ALA C 225 2.53 -6.52 -1.98
CA ALA C 225 2.18 -7.94 -1.82
C ALA C 225 2.44 -8.40 -0.41
N SER C 226 3.54 -7.88 0.15
CA SER C 226 3.98 -8.18 1.51
C SER C 226 2.85 -7.96 2.53
N GLU C 227 1.93 -7.07 2.16
CA GLU C 227 0.81 -6.71 3.01
C GLU C 227 -0.52 -7.39 2.68
N ILE C 228 -0.55 -8.17 1.60
CA ILE C 228 -1.85 -8.75 1.23
C ILE C 228 -2.52 -9.69 2.27
N SER C 229 -1.73 -10.60 2.84
CA SER C 229 -2.28 -11.56 3.82
C SER C 229 -2.94 -10.83 4.97
N SER C 230 -2.18 -9.89 5.52
CA SER C 230 -2.66 -9.06 6.63
C SER C 230 -4.05 -8.40 6.37
N ILE C 231 -4.20 -7.75 5.21
CA ILE C 231 -5.48 -7.17 4.80
C ILE C 231 -6.58 -8.22 4.54
N LEU C 232 -6.19 -9.38 4.00
CA LEU C 232 -7.17 -10.42 3.76
C LEU C 232 -7.66 -10.85 5.15
N GLU C 233 -6.70 -11.07 6.05
CA GLU C 233 -6.94 -11.50 7.43
C GLU C 233 -7.92 -10.55 8.11
N LYS C 234 -7.62 -9.27 8.01
CA LYS C 234 -8.45 -8.21 8.57
C LYS C 234 -9.85 -8.13 7.91
N GLY C 235 -10.14 -9.03 6.98
CA GLY C 235 -11.44 -9.06 6.31
C GLY C 235 -11.64 -8.20 5.07
N GLU C 236 -10.55 -7.65 4.54
CA GLU C 236 -10.53 -6.77 3.37
C GLU C 236 -10.42 -7.57 2.06
N ARG C 237 -11.30 -7.29 1.12
CA ARG C 237 -11.32 -7.96 -0.19
C ARG C 237 -11.26 -6.94 -1.34
N LEU C 238 -11.22 -7.45 -2.57
CA LEU C 238 -11.17 -6.58 -3.76
C LEU C 238 -12.50 -5.88 -3.86
N PRO C 239 -12.50 -4.61 -4.28
CA PRO C 239 -13.72 -3.81 -4.36
C PRO C 239 -14.69 -4.22 -5.46
N GLN C 240 -15.98 -3.97 -5.21
CA GLN C 240 -16.99 -4.28 -6.19
C GLN C 240 -16.77 -3.50 -7.49
N PRO C 241 -16.68 -4.21 -8.63
CA PRO C 241 -16.53 -3.54 -9.93
C PRO C 241 -17.83 -2.81 -10.26
N PRO C 242 -17.73 -1.59 -10.79
CA PRO C 242 -18.91 -0.79 -11.11
C PRO C 242 -19.95 -1.49 -11.98
N ILE C 243 -19.51 -2.40 -12.84
CA ILE C 243 -20.46 -3.05 -13.75
C ILE C 243 -21.23 -4.20 -13.15
N CYS C 244 -20.72 -4.73 -12.05
CA CYS C 244 -21.34 -5.87 -11.38
C CYS C 244 -22.48 -5.59 -10.46
N THR C 245 -23.50 -6.43 -10.61
CA THR C 245 -24.66 -6.45 -9.73
C THR C 245 -24.20 -7.15 -8.46
N ILE C 246 -24.91 -6.88 -7.36
CA ILE C 246 -24.58 -7.51 -6.12
C ILE C 246 -24.50 -9.04 -6.23
N ASP C 247 -25.41 -9.66 -6.99
CA ASP C 247 -25.39 -11.13 -7.17
C ASP C 247 -24.06 -11.62 -7.73
N VAL C 248 -23.51 -10.86 -8.68
CA VAL C 248 -22.20 -11.17 -9.25
C VAL C 248 -21.09 -10.96 -8.20
N TYR C 249 -21.05 -9.76 -7.63
CA TYR C 249 -20.08 -9.47 -6.56
C TYR C 249 -20.16 -10.53 -5.44
N MET C 250 -21.39 -10.83 -5.04
CA MET C 250 -21.62 -11.83 -4.02
C MET C 250 -20.86 -13.13 -4.31
N ILE C 251 -20.89 -13.55 -5.58
CA ILE C 251 -20.20 -14.77 -6.00
C ILE C 251 -18.71 -14.63 -5.80
N MET C 252 -18.17 -13.56 -6.37
CA MET C 252 -16.74 -13.25 -6.23
C MET C 252 -16.37 -13.32 -4.77
N ARG C 253 -17.11 -12.58 -3.96
CA ARG C 253 -16.90 -12.55 -2.51
C ARG C 253 -16.89 -13.95 -1.84
N LYS C 254 -17.78 -14.85 -2.26
CA LYS C 254 -17.83 -16.21 -1.72
C LYS C 254 -16.55 -17.01 -2.05
N CYS C 255 -15.91 -16.67 -3.19
CA CYS C 255 -14.68 -17.30 -3.64
C CYS C 255 -13.53 -16.94 -2.71
N TRP C 256 -13.67 -15.83 -2.00
CA TRP C 256 -12.63 -15.40 -1.10
C TRP C 256 -12.87 -15.64 0.39
N MET C 257 -13.64 -16.69 0.69
CA MET C 257 -13.90 -17.16 2.06
C MET C 257 -12.58 -17.68 2.64
N ILE C 258 -12.28 -17.32 3.89
CA ILE C 258 -11.05 -17.80 4.55
C ILE C 258 -11.09 -19.31 4.64
N ASP C 259 -12.29 -19.82 4.94
CA ASP C 259 -12.52 -21.25 5.04
C ASP C 259 -12.71 -21.83 3.63
N ALA C 260 -11.65 -22.52 3.16
CA ALA C 260 -11.61 -23.09 1.84
C ALA C 260 -12.86 -23.89 1.53
N ASP C 261 -13.27 -24.70 2.49
CA ASP C 261 -14.40 -25.57 2.28
C ASP C 261 -15.74 -24.90 2.14
N SER C 262 -15.81 -23.63 2.48
CA SER C 262 -17.08 -22.92 2.36
C SER C 262 -17.11 -22.06 1.08
N ARG C 263 -16.05 -22.18 0.30
CA ARG C 263 -15.93 -21.49 -0.99
C ARG C 263 -16.74 -22.29 -2.00
N PRO C 264 -17.29 -21.62 -3.03
CA PRO C 264 -18.04 -22.43 -3.99
C PRO C 264 -17.16 -23.43 -4.77
N LYS C 265 -17.83 -24.43 -5.35
CA LYS C 265 -17.16 -25.43 -6.17
C LYS C 265 -17.31 -24.97 -7.58
N PHE C 266 -16.37 -25.37 -8.44
CA PHE C 266 -16.42 -24.99 -9.85
C PHE C 266 -17.73 -25.43 -10.46
N ARG C 267 -18.23 -26.60 -10.01
CA ARG C 267 -19.53 -27.11 -10.45
C ARG C 267 -20.72 -26.15 -10.11
N GLU C 268 -20.67 -25.57 -8.93
CA GLU C 268 -21.64 -24.56 -8.56
C GLU C 268 -21.40 -23.31 -9.39
N LEU C 269 -20.13 -22.99 -9.63
CA LEU C 269 -19.79 -21.79 -10.41
C LEU C 269 -20.26 -21.82 -11.88
N ILE C 270 -20.17 -23.01 -12.47
CA ILE C 270 -20.63 -23.23 -13.84
C ILE C 270 -22.14 -22.95 -13.85
N ILE C 271 -22.83 -23.55 -12.89
CA ILE C 271 -24.27 -23.42 -12.78
C ILE C 271 -24.74 -21.98 -12.61
N GLU C 272 -24.16 -21.29 -11.61
CA GLU C 272 -24.53 -19.91 -11.28
C GLU C 272 -24.32 -18.93 -12.43
N PHE C 273 -23.17 -19.04 -13.10
CA PHE C 273 -22.86 -18.13 -14.20
C PHE C 273 -23.60 -18.47 -15.42
N SER C 274 -23.98 -19.74 -15.52
CA SER C 274 -24.67 -20.24 -16.70
C SER C 274 -26.05 -19.69 -16.66
N LYS C 275 -26.58 -19.51 -15.44
CA LYS C 275 -27.90 -18.93 -15.22
C LYS C 275 -27.86 -17.45 -15.56
N MET C 276 -26.83 -16.75 -15.08
CA MET C 276 -26.69 -15.33 -15.45
C MET C 276 -26.48 -15.14 -16.94
N ALA C 277 -25.52 -15.89 -17.50
CA ALA C 277 -25.23 -15.80 -18.93
C ALA C 277 -26.51 -15.91 -19.77
N ARG C 278 -27.55 -16.54 -19.22
CA ARG C 278 -28.83 -16.72 -19.92
C ARG C 278 -29.62 -15.42 -20.03
N ASP C 279 -29.24 -14.44 -19.21
CA ASP C 279 -29.91 -13.14 -19.09
C ASP C 279 -28.88 -12.14 -18.54
N PRO C 280 -27.80 -11.92 -19.28
CA PRO C 280 -26.75 -11.06 -18.76
C PRO C 280 -27.08 -9.59 -18.52
N GLN C 281 -28.13 -9.08 -19.15
CA GLN C 281 -28.47 -7.68 -18.96
C GLN C 281 -29.14 -7.46 -17.61
N ARG C 282 -29.34 -8.54 -16.88
CA ARG C 282 -29.93 -8.45 -15.57
C ARG C 282 -28.84 -8.53 -14.47
N TYR C 283 -27.66 -9.03 -14.84
CA TYR C 283 -26.59 -9.17 -13.86
C TYR C 283 -25.36 -8.28 -13.98
N LEU C 284 -25.16 -7.68 -15.16
CA LEU C 284 -24.03 -6.75 -15.40
C LEU C 284 -24.59 -5.47 -15.98
N VAL C 285 -24.21 -4.36 -15.37
CA VAL C 285 -24.65 -3.03 -15.77
C VAL C 285 -23.59 -2.36 -16.60
N ILE C 286 -23.76 -2.47 -17.92
CA ILE C 286 -22.82 -1.86 -18.84
C ILE C 286 -23.61 -0.90 -19.72
N GLN C 287 -23.06 0.29 -19.95
CA GLN C 287 -23.74 1.24 -20.82
C GLN C 287 -23.38 0.89 -22.26
N GLY C 288 -24.33 0.23 -22.93
CA GLY C 288 -24.20 -0.26 -24.29
C GLY C 288 -24.95 -1.56 -24.50
N LEU D 8 28.90 -20.83 -34.93
CA LEU D 8 28.22 -19.60 -35.41
C LEU D 8 28.95 -18.30 -35.05
N LEU D 9 30.27 -18.40 -34.94
CA LEU D 9 31.12 -17.24 -34.69
C LEU D 9 32.34 -17.42 -35.60
N ARG D 10 32.64 -16.47 -36.48
CA ARG D 10 33.80 -16.61 -37.36
C ARG D 10 35.06 -16.05 -36.72
N ILE D 11 36.04 -16.92 -36.50
CA ILE D 11 37.34 -16.51 -36.02
C ILE D 11 38.10 -16.09 -37.27
N LEU D 12 38.54 -14.86 -37.27
CA LEU D 12 39.18 -14.27 -38.43
C LEU D 12 40.69 -14.15 -38.29
N LYS D 13 41.35 -14.20 -39.45
CA LYS D 13 42.77 -13.99 -39.55
C LYS D 13 42.92 -12.59 -40.10
N GLU D 14 43.90 -11.86 -39.60
CA GLU D 14 44.12 -10.48 -40.02
C GLU D 14 44.13 -10.32 -41.53
N THR D 15 44.38 -11.42 -42.24
CA THR D 15 44.48 -11.43 -43.71
C THR D 15 43.09 -11.43 -44.36
N GLU D 16 42.09 -11.80 -43.55
CA GLU D 16 40.69 -11.85 -43.98
C GLU D 16 39.99 -10.48 -44.02
N PHE D 17 40.43 -9.54 -43.19
CA PHE D 17 39.77 -8.25 -43.10
C PHE D 17 40.74 -7.08 -43.03
N LYS D 18 40.19 -5.87 -43.02
CA LYS D 18 41.02 -4.71 -42.92
C LYS D 18 40.26 -3.50 -42.39
N LYS D 19 40.85 -2.78 -41.44
CA LYS D 19 40.27 -1.55 -40.91
C LYS D 19 40.50 -0.47 -41.93
N ILE D 20 39.49 0.33 -42.19
CA ILE D 20 39.56 1.36 -43.23
C ILE D 20 39.51 2.79 -42.65
N LYS D 21 38.56 3.05 -41.76
CA LYS D 21 38.45 4.36 -41.14
C LYS D 21 38.13 4.18 -39.68
N VAL D 22 38.45 5.18 -38.88
CA VAL D 22 38.09 5.17 -37.47
C VAL D 22 36.74 5.84 -37.50
N LEU D 23 35.78 5.30 -36.74
CA LEU D 23 34.44 5.86 -36.70
C LEU D 23 34.21 6.54 -35.36
N GLY D 24 34.87 6.04 -34.32
CA GLY D 24 34.72 6.60 -32.99
C GLY D 24 35.61 5.89 -32.01
N SER D 25 35.81 6.51 -30.85
CA SER D 25 36.62 5.90 -29.80
C SER D 25 35.92 6.04 -28.44
N GLY D 26 35.95 4.98 -27.66
CA GLY D 26 35.32 4.97 -26.37
C GLY D 26 36.30 4.56 -25.30
N ALA D 27 35.81 4.50 -24.07
CA ALA D 27 36.64 4.11 -22.95
C ALA D 27 37.27 2.76 -23.19
N PHE D 28 36.50 1.83 -23.77
CA PHE D 28 36.99 0.48 -23.92
C PHE D 28 37.64 0.06 -25.23
N GLY D 29 37.42 0.85 -26.28
CA GLY D 29 38.02 0.52 -27.54
C GLY D 29 37.77 1.55 -28.63
N THR D 30 38.20 1.19 -29.84
CA THR D 30 37.97 2.04 -30.99
C THR D 30 37.11 1.31 -32.02
N VAL D 31 36.26 2.08 -32.71
CA VAL D 31 35.37 1.53 -33.71
C VAL D 31 35.81 1.94 -35.10
N TYR D 32 35.93 0.93 -35.97
CA TYR D 32 36.34 1.10 -37.36
C TYR D 32 35.32 0.62 -38.36
N LYS D 33 35.38 1.24 -39.54
CA LYS D 33 34.63 0.75 -40.66
C LYS D 33 35.70 -0.20 -41.20
N GLY D 34 35.28 -1.42 -41.51
CA GLY D 34 36.16 -2.45 -41.99
C GLY D 34 35.66 -2.98 -43.32
N LEU D 35 36.47 -3.88 -43.87
CA LEU D 35 36.23 -4.54 -45.13
C LEU D 35 36.64 -5.98 -44.93
N TRP D 36 35.72 -6.89 -45.19
CA TRP D 36 36.03 -8.30 -45.11
C TRP D 36 36.23 -8.69 -46.58
N ILE D 37 37.33 -9.38 -46.82
CA ILE D 37 37.74 -9.86 -48.14
C ILE D 37 37.43 -11.35 -48.23
N PRO D 38 36.30 -11.70 -48.84
CA PRO D 38 36.05 -13.14 -48.96
C PRO D 38 37.07 -13.80 -49.92
N GLU D 39 37.51 -15.01 -49.54
CA GLU D 39 38.53 -15.78 -50.28
C GLU D 39 38.26 -16.12 -51.75
N GLY D 40 39.16 -15.69 -52.62
CA GLY D 40 39.09 -15.95 -54.04
C GLY D 40 37.95 -15.22 -54.69
N GLU D 41 37.59 -14.11 -54.06
CA GLU D 41 36.52 -13.27 -54.54
C GLU D 41 37.01 -11.85 -54.82
N LYS D 42 36.47 -11.22 -55.87
CA LYS D 42 36.88 -9.86 -56.26
C LYS D 42 36.08 -8.74 -55.55
N VAL D 43 35.60 -9.02 -54.35
CA VAL D 43 34.71 -8.08 -53.67
C VAL D 43 35.04 -7.78 -52.20
N LYS D 44 34.82 -6.54 -51.81
CA LYS D 44 35.03 -6.13 -50.41
C LYS D 44 33.69 -6.03 -49.69
N ILE D 45 33.60 -6.64 -48.50
CA ILE D 45 32.35 -6.54 -47.75
C ILE D 45 32.48 -5.75 -46.47
N PRO D 46 31.83 -4.58 -46.42
CA PRO D 46 31.85 -3.70 -45.24
C PRO D 46 31.43 -4.38 -43.94
N VAL D 47 32.18 -4.11 -42.88
CA VAL D 47 31.86 -4.65 -41.56
C VAL D 47 32.18 -3.53 -40.55
N ALA D 48 31.76 -3.76 -39.30
CA ALA D 48 32.09 -2.86 -38.22
C ALA D 48 33.10 -3.65 -37.40
N ILE D 49 34.21 -3.02 -37.05
CA ILE D 49 35.19 -3.70 -36.21
C ILE D 49 35.39 -2.87 -34.96
N LYS D 50 35.35 -3.51 -33.80
CA LYS D 50 35.64 -2.81 -32.55
C LYS D 50 36.89 -3.41 -31.95
N GLU D 51 37.96 -2.63 -31.92
CA GLU D 51 39.22 -3.07 -31.37
C GLU D 51 39.36 -2.64 -29.92
N LEU D 52 39.43 -3.63 -29.03
CA LEU D 52 39.50 -3.36 -27.60
C LEU D 52 40.89 -3.06 -27.05
N ARG D 53 40.91 -2.25 -26.01
CA ARG D 53 42.13 -1.89 -25.30
C ARG D 53 42.43 -2.99 -24.29
N GLU D 54 43.45 -3.79 -24.59
CA GLU D 54 43.84 -4.91 -23.72
C GLU D 54 44.81 -4.47 -22.62
N LYS D 59 44.01 -11.77 -19.30
CA LYS D 59 43.13 -12.89 -19.65
C LYS D 59 43.71 -13.76 -20.79
N ALA D 60 43.14 -14.95 -20.93
CA ALA D 60 43.55 -15.90 -21.96
C ALA D 60 42.65 -15.76 -23.17
N ASN D 61 43.02 -16.40 -24.26
CA ASN D 61 42.20 -16.39 -25.45
C ASN D 61 41.19 -17.53 -25.41
N LYS D 62 41.52 -18.56 -24.64
CA LYS D 62 40.65 -19.73 -24.48
C LYS D 62 39.37 -19.32 -23.74
N GLU D 63 39.56 -18.61 -22.64
CA GLU D 63 38.46 -18.17 -21.81
C GLU D 63 37.54 -17.21 -22.55
N ILE D 64 38.12 -16.09 -23.00
CA ILE D 64 37.39 -15.07 -23.74
C ILE D 64 36.51 -15.69 -24.83
N LEU D 65 37.16 -16.40 -25.76
CA LEU D 65 36.48 -17.05 -26.87
C LEU D 65 35.32 -17.92 -26.38
N ASP D 66 35.52 -18.58 -25.23
CA ASP D 66 34.42 -19.35 -24.65
C ASP D 66 33.22 -18.44 -24.31
N GLU D 67 33.57 -17.19 -24.03
CA GLU D 67 32.61 -16.13 -23.75
C GLU D 67 32.06 -15.56 -25.07
N ALA D 68 32.97 -15.32 -26.01
CA ALA D 68 32.60 -14.81 -27.31
C ALA D 68 31.49 -15.67 -27.92
N TYR D 69 31.65 -16.98 -27.79
CA TYR D 69 30.67 -17.93 -28.29
C TYR D 69 29.30 -17.65 -27.71
N VAL D 70 29.24 -17.22 -26.45
CA VAL D 70 27.91 -16.88 -25.92
C VAL D 70 27.43 -15.58 -26.56
N MET D 71 28.30 -14.58 -26.56
CA MET D 71 28.01 -13.31 -27.21
C MET D 71 27.58 -13.47 -28.69
N ALA D 72 27.95 -14.61 -29.27
CA ALA D 72 27.66 -14.91 -30.68
C ALA D 72 26.41 -15.79 -30.84
N SER D 73 25.79 -16.14 -29.72
CA SER D 73 24.62 -17.01 -29.73
C SER D 73 23.31 -16.25 -29.52
N VAL D 74 23.37 -14.93 -29.43
CA VAL D 74 22.18 -14.16 -29.14
C VAL D 74 21.33 -13.96 -30.38
N ASP D 75 20.03 -14.13 -30.23
CA ASP D 75 19.12 -13.90 -31.32
C ASP D 75 17.92 -13.06 -30.96
N ASN D 76 18.09 -11.73 -31.01
CA ASN D 76 16.98 -10.83 -30.73
C ASN D 76 17.16 -9.62 -31.60
N PRO D 77 16.07 -9.10 -32.16
CA PRO D 77 16.21 -7.92 -33.04
C PRO D 77 16.77 -6.71 -32.33
N HIS D 78 16.79 -6.77 -31.01
CA HIS D 78 17.27 -5.63 -30.24
C HIS D 78 18.48 -5.90 -29.42
N VAL D 79 19.24 -6.88 -29.86
CA VAL D 79 20.44 -7.25 -29.18
C VAL D 79 21.45 -7.44 -30.30
N CYS D 80 22.51 -6.64 -30.25
CA CYS D 80 23.54 -6.68 -31.27
C CYS D 80 24.31 -7.96 -31.08
N ARG D 81 24.40 -8.77 -32.14
CA ARG D 81 25.13 -10.05 -32.13
C ARG D 81 26.60 -9.97 -32.55
N LEU D 82 27.47 -10.69 -31.82
CA LEU D 82 28.90 -10.82 -32.21
C LEU D 82 29.02 -11.74 -33.43
N LEU D 83 29.60 -11.25 -34.54
CA LEU D 83 29.73 -12.07 -35.75
C LEU D 83 31.08 -12.75 -35.93
N GLY D 84 32.13 -11.97 -35.84
CA GLY D 84 33.48 -12.48 -36.02
C GLY D 84 34.34 -12.00 -34.87
N ILE D 85 35.48 -12.66 -34.70
CA ILE D 85 36.39 -12.29 -33.64
C ILE D 85 37.80 -12.56 -34.13
N CYS D 86 38.72 -11.64 -33.85
CA CYS D 86 40.12 -11.80 -34.27
C CYS D 86 40.96 -11.54 -33.02
N LEU D 87 41.57 -12.61 -32.50
CA LEU D 87 42.38 -12.54 -31.28
C LEU D 87 43.86 -12.52 -31.60
N THR D 88 44.44 -11.34 -31.57
CA THR D 88 45.86 -11.16 -31.83
C THR D 88 46.51 -10.50 -30.59
N SER D 89 47.26 -9.44 -30.81
CA SER D 89 47.83 -8.68 -29.70
C SER D 89 46.58 -8.08 -29.05
N THR D 90 45.71 -7.52 -29.89
CA THR D 90 44.44 -6.91 -29.51
C THR D 90 43.27 -7.84 -29.83
N VAL D 91 42.14 -7.58 -29.18
CA VAL D 91 40.91 -8.33 -29.38
C VAL D 91 39.97 -7.48 -30.26
N GLN D 92 39.57 -8.06 -31.40
CA GLN D 92 38.69 -7.37 -32.33
C GLN D 92 37.36 -8.06 -32.50
N LEU D 93 36.30 -7.27 -32.35
CA LEU D 93 34.94 -7.76 -32.48
C LEU D 93 34.34 -7.24 -33.80
N ILE D 94 33.76 -8.17 -34.56
CA ILE D 94 33.15 -7.81 -35.84
C ILE D 94 31.65 -8.01 -35.81
N THR D 95 30.95 -7.07 -36.41
CA THR D 95 29.52 -7.15 -36.56
C THR D 95 29.09 -6.39 -37.81
N GLN D 96 27.82 -6.53 -38.12
CA GLN D 96 27.23 -5.88 -39.27
C GLN D 96 27.36 -4.38 -39.06
N LEU D 97 27.88 -3.68 -40.08
CA LEU D 97 28.11 -2.25 -39.99
C LEU D 97 26.79 -1.55 -40.05
N MET D 98 26.62 -0.58 -39.19
CA MET D 98 25.40 0.21 -39.19
C MET D 98 25.84 1.61 -39.48
N PRO D 99 24.99 2.39 -40.12
CA PRO D 99 25.30 3.77 -40.49
C PRO D 99 25.18 4.80 -39.38
N PHE D 100 24.71 4.39 -38.20
CA PHE D 100 24.39 5.38 -37.19
C PHE D 100 25.11 5.42 -35.86
N GLY D 101 26.00 4.49 -35.53
CA GLY D 101 26.63 4.61 -34.20
C GLY D 101 25.68 4.63 -32.99
N CYS D 102 26.15 5.04 -31.81
CA CYS D 102 25.33 5.01 -30.57
C CYS D 102 24.09 5.93 -30.44
N LEU D 103 23.10 5.50 -29.64
CA LEU D 103 21.89 6.30 -29.45
C LEU D 103 22.17 7.64 -28.81
N LEU D 104 23.15 7.64 -27.89
CA LEU D 104 23.51 8.84 -27.15
C LEU D 104 23.81 10.01 -28.07
N ASP D 105 24.75 9.81 -28.99
CA ASP D 105 25.12 10.82 -29.97
C ASP D 105 23.93 11.16 -30.84
N TYR D 106 23.21 10.15 -31.29
CA TYR D 106 22.08 10.38 -32.15
C TYR D 106 21.12 11.36 -31.52
N VAL D 107 20.71 11.08 -30.26
CA VAL D 107 19.79 12.01 -29.57
C VAL D 107 20.41 13.38 -29.33
N ARG D 108 21.72 13.45 -29.08
CA ARG D 108 22.34 14.76 -28.90
C ARG D 108 22.27 15.53 -30.21
N GLU D 109 22.57 14.85 -31.32
CA GLU D 109 22.53 15.47 -32.65
C GLU D 109 21.15 15.98 -33.02
N HIS D 110 20.11 15.30 -32.58
CA HIS D 110 18.75 15.75 -32.90
C HIS D 110 18.11 16.22 -31.59
N LYS D 111 18.92 16.95 -30.80
CA LYS D 111 18.53 17.44 -29.49
C LYS D 111 17.07 17.71 -29.24
N ASP D 112 16.47 18.72 -29.82
CA ASP D 112 15.07 18.90 -29.45
C ASP D 112 14.05 18.59 -30.54
N ASN D 113 14.53 18.09 -31.68
CA ASN D 113 13.66 17.73 -32.80
C ASN D 113 13.36 16.24 -32.96
N ILE D 114 13.37 15.51 -31.84
CA ILE D 114 13.03 14.08 -31.84
C ILE D 114 11.62 13.89 -31.29
N GLY D 115 10.86 13.04 -31.98
CA GLY D 115 9.47 12.73 -31.69
C GLY D 115 9.17 11.89 -30.45
N SER D 116 7.98 12.11 -29.92
CA SER D 116 7.56 11.44 -28.71
C SER D 116 7.43 9.95 -28.96
N GLN D 117 7.01 9.59 -30.18
CA GLN D 117 6.84 8.20 -30.60
C GLN D 117 8.20 7.47 -30.63
N TYR D 118 9.23 8.18 -31.07
CA TYR D 118 10.57 7.65 -31.11
C TYR D 118 11.18 7.36 -29.75
N LEU D 119 11.22 8.33 -28.85
CA LEU D 119 11.82 8.08 -27.55
C LEU D 119 11.17 6.94 -26.76
N LEU D 120 9.84 6.87 -26.81
CA LEU D 120 9.10 5.81 -26.12
C LEU D 120 9.23 4.43 -26.80
N ASN D 121 9.51 4.44 -28.11
CA ASN D 121 9.75 3.19 -28.83
C ASN D 121 11.11 2.62 -28.48
N TRP D 122 12.10 3.50 -28.36
CA TRP D 122 13.46 3.16 -28.00
C TRP D 122 13.43 2.55 -26.61
N CYS D 123 12.53 3.08 -25.78
CA CYS D 123 12.39 2.60 -24.42
C CYS D 123 11.91 1.16 -24.39
N VAL D 124 10.93 0.85 -25.25
CA VAL D 124 10.38 -0.51 -25.39
C VAL D 124 11.42 -1.45 -26.00
N GLN D 125 12.09 -0.97 -27.04
CA GLN D 125 13.09 -1.75 -27.69
C GLN D 125 14.24 -2.09 -26.74
N ILE D 126 14.64 -1.13 -25.92
CA ILE D 126 15.77 -1.37 -25.02
C ILE D 126 15.40 -2.38 -23.96
N ALA D 127 14.11 -2.34 -23.55
CA ALA D 127 13.59 -3.27 -22.55
C ALA D 127 13.39 -4.69 -23.14
N LYS D 128 12.93 -4.78 -24.39
CA LYS D 128 12.78 -6.07 -25.03
C LYS D 128 14.17 -6.71 -25.12
N GLY D 129 15.17 -5.92 -25.48
CA GLY D 129 16.54 -6.43 -25.59
C GLY D 129 17.04 -6.92 -24.25
N MET D 130 16.81 -6.11 -23.22
CA MET D 130 17.25 -6.40 -21.85
C MET D 130 16.52 -7.64 -21.30
N ASN D 131 15.25 -7.75 -21.64
CA ASN D 131 14.45 -8.91 -21.23
C ASN D 131 14.92 -10.19 -21.97
N TYR D 132 15.38 -10.05 -23.21
CA TYR D 132 15.91 -11.21 -23.92
C TYR D 132 17.14 -11.72 -23.15
N LEU D 133 18.10 -10.81 -22.91
CA LEU D 133 19.31 -11.08 -22.15
C LEU D 133 18.97 -11.64 -20.77
N GLU D 134 17.96 -11.07 -20.10
CA GLU D 134 17.56 -11.66 -18.82
C GLU D 134 17.16 -13.12 -19.03
N ASP D 135 16.29 -13.37 -20.02
CA ASP D 135 15.85 -14.73 -20.31
C ASP D 135 17.02 -15.63 -20.68
N ARG D 136 18.05 -15.10 -21.32
CA ARG D 136 19.24 -15.89 -21.64
C ARG D 136 20.16 -15.98 -20.41
N ARG D 137 19.75 -15.35 -19.30
CA ARG D 137 20.54 -15.36 -18.06
C ARG D 137 21.88 -14.60 -18.21
N LEU D 138 21.84 -13.49 -18.92
CA LEU D 138 23.02 -12.67 -19.13
C LEU D 138 22.79 -11.33 -18.41
N VAL D 139 23.80 -10.88 -17.68
CA VAL D 139 23.71 -9.61 -16.97
C VAL D 139 24.59 -8.71 -17.79
N HIS D 140 24.02 -7.58 -18.23
CA HIS D 140 24.75 -6.61 -19.03
C HIS D 140 25.91 -5.98 -18.26
N ARG D 141 25.58 -5.38 -17.11
CA ARG D 141 26.56 -4.75 -16.21
C ARG D 141 26.95 -3.34 -16.65
N ASP D 142 26.77 -3.02 -17.94
CA ASP D 142 27.08 -1.68 -18.44
C ASP D 142 26.05 -1.07 -19.44
N LEU D 143 24.77 -1.16 -19.09
CA LEU D 143 23.74 -0.63 -19.94
C LEU D 143 23.70 0.91 -19.81
N ALA D 144 23.83 1.62 -20.92
CA ALA D 144 23.83 3.08 -20.94
C ALA D 144 23.45 3.37 -22.38
N ALA D 145 23.01 4.61 -22.66
CA ALA D 145 22.66 4.97 -24.04
C ALA D 145 23.88 4.92 -25.02
N ARG D 146 25.08 4.97 -24.47
CA ARG D 146 26.32 4.85 -25.23
C ARG D 146 26.46 3.38 -25.69
N ASN D 147 25.71 2.48 -25.04
CA ASN D 147 25.75 1.05 -25.40
C ASN D 147 24.56 0.53 -26.17
N VAL D 148 23.79 1.47 -26.74
CA VAL D 148 22.64 1.15 -27.56
C VAL D 148 22.95 1.75 -28.92
N LEU D 149 23.08 0.85 -29.90
CA LEU D 149 23.40 1.25 -31.29
C LEU D 149 22.14 1.53 -32.11
N VAL D 150 22.30 2.37 -33.13
CA VAL D 150 21.20 2.72 -34.03
C VAL D 150 21.40 2.01 -35.38
N LYS D 151 20.46 1.15 -35.77
CA LYS D 151 20.55 0.51 -37.09
C LYS D 151 19.88 1.52 -38.03
N THR D 152 18.62 1.80 -37.72
CA THR D 152 17.87 2.83 -38.38
C THR D 152 17.36 3.62 -37.20
N PRO D 153 16.78 4.82 -37.43
CA PRO D 153 16.27 5.60 -36.30
C PRO D 153 15.07 4.96 -35.62
N GLN D 154 14.55 3.90 -36.21
CA GLN D 154 13.39 3.25 -35.63
C GLN D 154 13.71 1.85 -35.13
N HIS D 155 14.99 1.50 -35.14
CA HIS D 155 15.42 0.19 -34.69
C HIS D 155 16.78 0.27 -34.04
N VAL D 156 16.81 0.06 -32.72
CA VAL D 156 18.05 0.07 -31.93
C VAL D 156 18.43 -1.28 -31.33
N LYS D 157 19.74 -1.50 -31.19
CA LYS D 157 20.25 -2.76 -30.66
C LYS D 157 21.22 -2.51 -29.48
N ILE D 158 20.96 -3.18 -28.36
CA ILE D 158 21.83 -3.07 -27.20
C ILE D 158 23.06 -3.85 -27.58
N THR D 159 24.20 -3.31 -27.21
CA THR D 159 25.49 -3.89 -27.52
C THR D 159 26.28 -3.96 -26.21
N ASP D 160 27.39 -4.69 -26.25
CA ASP D 160 28.36 -4.82 -25.13
C ASP D 160 28.04 -5.46 -23.80
N PHE D 161 27.13 -6.41 -23.77
CA PHE D 161 26.79 -7.10 -22.53
C PHE D 161 27.91 -8.10 -22.22
N GLY D 162 28.24 -8.27 -20.94
CA GLY D 162 29.24 -9.22 -20.52
C GLY D 162 30.66 -8.86 -20.82
N LEU D 163 30.93 -7.68 -21.39
CA LEU D 163 32.31 -7.25 -21.64
C LEU D 163 33.16 -7.26 -20.36
N LYS D 180 36.36 3.34 -17.14
CA LYS D 180 36.22 3.28 -15.67
C LYS D 180 34.88 2.61 -15.29
N VAL D 181 34.51 2.69 -14.02
CA VAL D 181 33.22 2.18 -13.54
C VAL D 181 32.16 3.29 -13.53
N PRO D 182 31.09 3.12 -14.34
CA PRO D 182 30.00 4.07 -14.54
C PRO D 182 29.16 4.21 -13.29
N ILE D 183 29.76 4.74 -12.23
CA ILE D 183 29.10 4.94 -10.95
C ILE D 183 27.75 5.60 -11.16
N LYS D 184 27.72 6.59 -12.04
CA LYS D 184 26.49 7.33 -12.28
C LYS D 184 25.39 6.52 -12.96
N TRP D 185 25.73 5.27 -13.32
CA TRP D 185 24.77 4.36 -13.98
C TRP D 185 24.47 3.16 -13.10
N MET D 186 25.35 2.90 -12.15
CA MET D 186 25.23 1.77 -11.25
C MET D 186 24.22 1.89 -10.12
N ALA D 187 23.58 0.77 -9.82
CA ALA D 187 22.65 0.68 -8.71
C ALA D 187 23.47 0.71 -7.43
N LEU D 188 22.86 1.15 -6.33
CA LEU D 188 23.54 1.27 -5.04
C LEU D 188 24.34 0.05 -4.57
N GLU D 189 23.75 -1.14 -4.70
CA GLU D 189 24.42 -2.36 -4.28
C GLU D 189 25.60 -2.66 -5.18
N SER D 190 25.47 -2.22 -6.43
CA SER D 190 26.50 -2.41 -7.40
C SER D 190 27.68 -1.61 -6.92
N ILE D 191 27.39 -0.37 -6.50
CA ILE D 191 28.39 0.59 -6.01
C ILE D 191 28.99 0.16 -4.67
N LEU D 192 28.13 -0.24 -3.76
CA LEU D 192 28.56 -0.65 -2.43
C LEU D 192 29.17 -2.04 -2.34
N HIS D 193 28.64 -2.98 -3.12
CA HIS D 193 29.14 -4.34 -3.01
C HIS D 193 29.51 -5.04 -4.29
N ARG D 194 29.47 -4.33 -5.41
CA ARG D 194 29.82 -4.96 -6.67
C ARG D 194 28.90 -6.14 -6.91
N ILE D 195 27.66 -5.97 -6.52
CA ILE D 195 26.62 -6.95 -6.75
C ILE D 195 26.00 -6.56 -8.08
N TYR D 196 25.97 -7.50 -9.02
CA TYR D 196 25.37 -7.28 -10.34
C TYR D 196 24.30 -8.33 -10.65
N THR D 197 23.08 -7.85 -10.88
CA THR D 197 21.96 -8.73 -11.18
C THR D 197 21.08 -8.10 -12.26
N HIS D 198 20.04 -8.81 -12.65
CA HIS D 198 19.11 -8.29 -13.62
C HIS D 198 18.40 -7.06 -13.03
N GLN D 199 18.28 -7.02 -11.70
CA GLN D 199 17.66 -5.90 -10.99
C GLN D 199 18.56 -4.66 -10.99
N SER D 200 19.87 -4.87 -10.96
CA SER D 200 20.78 -3.75 -11.07
C SER D 200 20.78 -3.24 -12.53
N ASP D 201 20.53 -4.13 -13.51
CA ASP D 201 20.44 -3.70 -14.90
C ASP D 201 19.20 -2.83 -15.04
N VAL D 202 18.17 -3.11 -14.25
CA VAL D 202 16.96 -2.31 -14.31
C VAL D 202 17.28 -0.87 -13.88
N TRP D 203 18.07 -0.70 -12.83
CA TRP D 203 18.47 0.62 -12.37
C TRP D 203 19.11 1.36 -13.55
N SER D 204 20.18 0.75 -14.10
CA SER D 204 20.94 1.32 -15.22
C SER D 204 20.03 1.65 -16.39
N TYR D 205 18.99 0.86 -16.54
CA TYR D 205 18.02 1.06 -17.59
C TYR D 205 17.24 2.38 -17.37
N GLY D 206 16.87 2.64 -16.13
CA GLY D 206 16.21 3.89 -15.75
C GLY D 206 17.10 5.08 -16.04
N VAL D 207 18.42 4.95 -15.86
CA VAL D 207 19.35 6.04 -16.17
C VAL D 207 19.38 6.24 -17.68
N THR D 208 19.47 5.12 -18.41
CA THR D 208 19.47 5.16 -19.87
C THR D 208 18.25 5.93 -20.38
N VAL D 209 17.07 5.58 -19.86
CA VAL D 209 15.82 6.23 -20.25
C VAL D 209 15.93 7.72 -19.98
N TRP D 210 16.44 8.06 -18.79
CA TRP D 210 16.69 9.44 -18.39
C TRP D 210 17.58 10.19 -19.40
N GLU D 211 18.69 9.58 -19.83
CA GLU D 211 19.56 10.18 -20.83
C GLU D 211 18.76 10.50 -22.08
N LEU D 212 17.95 9.54 -22.50
CA LEU D 212 17.18 9.72 -23.72
C LEU D 212 16.22 10.88 -23.56
N MET D 213 15.45 10.86 -22.47
CA MET D 213 14.42 11.88 -22.21
C MET D 213 14.98 13.29 -22.02
N THR D 214 16.27 13.39 -21.71
CA THR D 214 16.95 14.67 -21.55
C THR D 214 17.76 15.00 -22.80
N PHE D 215 17.73 14.11 -23.79
CA PHE D 215 18.46 14.31 -25.05
C PHE D 215 19.96 14.31 -24.85
N GLY D 216 20.42 13.30 -24.10
CA GLY D 216 21.83 13.07 -23.90
C GLY D 216 22.50 13.92 -22.85
N SER D 217 21.79 14.21 -21.77
CA SER D 217 22.38 15.00 -20.67
C SER D 217 23.20 14.04 -19.83
N LYS D 218 24.20 14.59 -19.14
CA LYS D 218 25.04 13.80 -18.26
C LYS D 218 24.31 13.58 -16.92
N PRO D 219 24.20 12.32 -16.49
CA PRO D 219 23.50 12.18 -15.19
C PRO D 219 24.33 12.77 -14.05
N TYR D 220 23.67 13.49 -13.15
CA TYR D 220 24.34 14.09 -11.99
C TYR D 220 25.45 15.07 -12.42
N ASP D 221 25.14 15.94 -13.37
CA ASP D 221 26.13 16.86 -13.91
C ASP D 221 26.83 17.69 -12.85
N GLY D 222 28.11 17.39 -12.64
CA GLY D 222 28.90 18.13 -11.69
C GLY D 222 29.30 17.26 -10.51
N ILE D 223 28.32 16.59 -9.89
CA ILE D 223 28.61 15.74 -8.75
C ILE D 223 29.69 14.69 -9.04
N PRO D 224 30.70 14.61 -8.16
CA PRO D 224 31.77 13.62 -8.34
C PRO D 224 31.20 12.24 -8.03
N ALA D 225 31.70 11.23 -8.74
CA ALA D 225 31.24 9.86 -8.53
C ALA D 225 31.41 9.42 -7.08
N SER D 226 32.52 9.88 -6.50
CA SER D 226 32.87 9.57 -5.10
C SER D 226 31.72 9.94 -4.15
N GLU D 227 30.88 10.86 -4.60
CA GLU D 227 29.77 11.35 -3.80
C GLU D 227 28.41 10.73 -4.14
N ILE D 228 28.39 9.82 -5.10
CA ILE D 228 27.15 9.18 -5.52
C ILE D 228 26.42 8.38 -4.44
N SER D 229 27.03 7.29 -3.95
CA SER D 229 26.44 6.42 -2.91
C SER D 229 25.61 7.20 -1.91
N SER D 230 26.28 8.11 -1.24
CA SER D 230 25.70 9.07 -0.28
C SER D 230 24.36 9.69 -0.71
N ILE D 231 24.36 10.36 -1.87
CA ILE D 231 23.18 11.05 -2.34
C ILE D 231 22.01 10.11 -2.68
N LEU D 232 22.38 8.90 -3.07
CA LEU D 232 21.36 7.92 -3.35
C LEU D 232 20.84 7.54 -1.96
N GLU D 233 21.78 7.34 -1.04
CA GLU D 233 21.49 6.98 0.38
C GLU D 233 20.56 7.98 1.09
N LYS D 234 20.80 9.27 0.82
CA LYS D 234 19.99 10.36 1.34
C LYS D 234 18.65 10.48 0.61
N GLY D 235 18.44 9.64 -0.41
CA GLY D 235 17.18 9.61 -1.16
C GLY D 235 17.12 10.51 -2.39
N GLU D 236 18.24 11.10 -2.78
CA GLU D 236 18.27 11.99 -3.95
C GLU D 236 18.60 11.28 -5.26
N ARG D 237 17.68 11.43 -6.21
CA ARG D 237 17.77 10.79 -7.52
C ARG D 237 17.98 11.81 -8.65
N LEU D 238 17.90 11.32 -9.90
CA LEU D 238 18.04 12.19 -11.06
C LEU D 238 16.74 12.97 -11.24
N PRO D 239 16.85 14.23 -11.68
CA PRO D 239 15.67 15.11 -11.79
C PRO D 239 14.73 14.76 -12.92
N GLN D 240 13.45 15.08 -12.73
CA GLN D 240 12.45 14.83 -13.75
C GLN D 240 12.77 15.61 -15.02
N PRO D 241 12.84 14.91 -16.16
CA PRO D 241 13.09 15.61 -17.42
C PRO D 241 11.85 16.41 -17.81
N PRO D 242 12.05 17.64 -18.30
CA PRO D 242 10.92 18.51 -18.67
C PRO D 242 9.88 17.88 -19.60
N ILE D 243 10.29 16.95 -20.46
CA ILE D 243 9.36 16.37 -21.43
C ILE D 243 8.47 15.26 -20.89
N CYS D 244 8.91 14.69 -19.77
CA CYS D 244 8.18 13.59 -19.13
C CYS D 244 7.01 13.99 -18.25
N THR D 245 5.86 13.34 -18.47
CA THR D 245 4.71 13.46 -17.59
C THR D 245 5.11 12.65 -16.33
N ILE D 246 4.37 12.78 -15.25
CA ILE D 246 4.67 12.09 -13.99
C ILE D 246 4.64 10.57 -14.10
N ASP D 247 3.75 10.01 -14.91
CA ASP D 247 3.69 8.54 -15.08
C ASP D 247 5.02 8.00 -15.61
N VAL D 248 5.66 8.75 -16.50
CA VAL D 248 6.95 8.37 -17.04
C VAL D 248 8.01 8.48 -15.95
N TYR D 249 8.12 9.66 -15.37
CA TYR D 249 9.08 9.87 -14.29
C TYR D 249 8.87 8.82 -13.17
N MET D 250 7.62 8.56 -12.83
CA MET D 250 7.29 7.59 -11.82
C MET D 250 7.96 6.25 -12.11
N ILE D 251 7.93 5.83 -13.39
CA ILE D 251 8.58 4.58 -13.83
C ILE D 251 10.08 4.66 -13.60
N MET D 252 10.70 5.72 -14.11
CA MET D 252 12.14 5.93 -13.91
C MET D 252 12.45 5.80 -12.44
N ARG D 253 11.72 6.57 -11.63
CA ARG D 253 11.89 6.56 -10.17
C ARG D 253 11.80 5.15 -9.54
N LYS D 254 10.89 4.31 -10.03
CA LYS D 254 10.71 2.96 -9.52
C LYS D 254 11.93 2.09 -9.82
N CYS D 255 12.63 2.41 -10.91
CA CYS D 255 13.85 1.71 -11.34
C CYS D 255 14.98 1.99 -10.35
N TRP D 256 14.88 3.08 -9.61
CA TRP D 256 15.91 3.43 -8.64
C TRP D 256 15.60 3.18 -7.18
N MET D 257 14.68 2.26 -6.89
CA MET D 257 14.39 1.93 -5.49
C MET D 257 15.55 1.14 -4.94
N ILE D 258 15.86 1.42 -3.67
CA ILE D 258 16.99 0.83 -2.97
C ILE D 258 16.84 -0.67 -2.89
N ASP D 259 15.61 -1.08 -2.66
CA ASP D 259 15.26 -2.50 -2.62
C ASP D 259 15.13 -3.05 -4.05
N ALA D 260 16.15 -3.79 -4.46
CA ALA D 260 16.22 -4.35 -5.80
C ALA D 260 14.94 -5.05 -6.19
N ASP D 261 14.40 -5.84 -5.27
CA ASP D 261 13.23 -6.63 -5.56
C ASP D 261 11.96 -5.86 -5.74
N SER D 262 11.98 -4.58 -5.41
CA SER D 262 10.78 -3.77 -5.57
C SER D 262 10.88 -2.93 -6.83
N ARG D 263 11.99 -3.10 -7.56
CA ARG D 263 12.22 -2.41 -8.85
C ARG D 263 11.42 -3.15 -9.91
N PRO D 264 10.98 -2.43 -10.95
CA PRO D 264 10.23 -3.19 -11.95
C PRO D 264 11.09 -4.22 -12.72
N LYS D 265 10.41 -5.17 -13.35
CA LYS D 265 11.06 -6.18 -14.16
C LYS D 265 11.00 -5.67 -15.57
N PHE D 266 11.96 -6.11 -16.39
CA PHE D 266 12.00 -5.70 -17.79
C PHE D 266 10.69 -6.04 -18.48
N ARG D 267 10.11 -7.18 -18.08
CA ARG D 267 8.82 -7.64 -18.59
C ARG D 267 7.79 -6.54 -18.37
N GLU D 268 7.71 -6.07 -17.12
CA GLU D 268 6.76 -5.01 -16.77
C GLU D 268 7.09 -3.76 -17.56
N LEU D 269 8.39 -3.49 -17.74
CA LEU D 269 8.84 -2.31 -18.47
C LEU D 269 8.46 -2.29 -19.96
N ILE D 270 8.51 -3.46 -20.59
CA ILE D 270 8.13 -3.61 -21.96
C ILE D 270 6.64 -3.28 -22.05
N ILE D 271 5.88 -3.88 -21.14
CA ILE D 271 4.44 -3.71 -21.12
C ILE D 271 4.02 -2.26 -20.92
N GLU D 272 4.57 -1.62 -19.88
CA GLU D 272 4.26 -0.23 -19.54
C GLU D 272 4.57 0.77 -20.64
N PHE D 273 5.75 0.65 -21.22
CA PHE D 273 6.17 1.54 -22.29
C PHE D 273 5.46 1.23 -23.61
N SER D 274 5.18 -0.06 -23.82
CA SER D 274 4.41 -0.52 -24.97
C SER D 274 3.07 0.22 -24.98
N LYS D 275 2.43 0.25 -23.81
CA LYS D 275 1.13 0.91 -23.60
C LYS D 275 1.25 2.40 -23.87
N MET D 276 2.31 3.02 -23.36
CA MET D 276 2.58 4.45 -23.55
C MET D 276 2.95 4.80 -25.00
N ALA D 277 3.62 3.87 -25.67
CA ALA D 277 4.07 4.11 -27.03
C ALA D 277 2.89 3.95 -28.00
N ARG D 278 1.77 3.46 -27.48
CA ARG D 278 0.55 3.32 -28.27
C ARG D 278 -0.19 4.67 -28.29
N ASP D 279 0.16 5.57 -27.38
CA ASP D 279 -0.49 6.87 -27.22
C ASP D 279 0.56 7.84 -26.61
N PRO D 280 1.66 8.07 -27.35
CA PRO D 280 2.79 8.90 -26.95
C PRO D 280 2.47 10.34 -26.53
N GLN D 281 1.38 10.89 -27.08
CA GLN D 281 1.00 12.28 -26.83
C GLN D 281 0.31 12.42 -25.48
N ARG D 282 0.13 11.28 -24.83
CA ARG D 282 -0.55 11.18 -23.53
C ARG D 282 0.48 11.07 -22.38
N TYR D 283 1.74 10.79 -22.73
CA TYR D 283 2.80 10.59 -21.74
C TYR D 283 4.04 11.46 -21.81
N LEU D 284 4.25 12.08 -22.96
CA LEU D 284 5.40 12.96 -23.13
C LEU D 284 4.88 14.31 -23.64
N VAL D 285 5.63 15.36 -23.32
CA VAL D 285 5.28 16.72 -23.73
C VAL D 285 6.46 17.37 -24.41
N ILE D 286 6.42 17.41 -25.73
CA ILE D 286 7.52 18.00 -26.50
C ILE D 286 7.03 19.20 -27.29
N GLN D 287 7.79 20.28 -27.24
CA GLN D 287 7.42 21.48 -27.96
C GLN D 287 7.86 21.29 -29.41
N GLY D 288 6.89 20.96 -30.26
CA GLY D 288 7.10 20.70 -31.68
C GLY D 288 6.30 19.52 -32.21
N UNK E 289 1.88 36.18 38.98
CA UNK E 289 3.25 35.65 38.86
C UNK E 289 3.55 34.30 39.55
N UNK E 290 2.78 33.94 40.57
CA UNK E 290 3.02 32.67 41.27
C UNK E 290 2.99 31.55 40.24
N UNK E 291 1.92 31.58 39.44
CA UNK E 291 1.75 30.56 38.43
C UNK E 291 2.80 30.49 37.31
N UNK E 292 3.47 31.59 36.95
CA UNK E 292 4.49 31.39 35.92
C UNK E 292 5.59 30.59 36.62
N UNK E 293 5.88 31.04 37.85
CA UNK E 293 6.90 30.37 38.67
C UNK E 293 6.68 28.85 38.63
N UNK E 294 5.45 28.44 38.96
CA UNK E 294 5.12 27.03 38.91
C UNK E 294 5.34 26.39 37.52
N UNK E 295 4.84 27.04 36.46
CA UNK E 295 4.96 26.54 35.08
C UNK E 295 6.41 26.39 34.55
N UNK E 296 7.21 27.40 34.79
CA UNK E 296 8.60 27.33 34.36
C UNK E 296 9.50 26.52 35.37
N UNK E 297 8.92 26.06 36.49
CA UNK E 297 9.65 25.28 37.54
C UNK E 297 10.03 23.91 36.97
N UNK F 289 -20.68 4.78 48.49
CA UNK F 289 -19.72 5.83 48.17
C UNK F 289 -20.11 6.57 46.90
N UNK F 290 -19.11 6.99 46.11
CA UNK F 290 -19.26 7.70 44.82
C UNK F 290 -20.66 8.04 44.19
N UNK F 291 -21.50 7.02 44.04
CA UNK F 291 -22.81 7.08 43.41
C UNK F 291 -23.89 7.18 44.48
N UNK F 292 -23.57 6.53 45.60
CA UNK F 292 -24.41 6.34 46.76
C UNK F 292 -24.10 7.47 47.73
N UNK F 293 -23.00 8.12 47.40
CA UNK F 293 -22.46 9.21 48.14
C UNK F 293 -23.05 10.54 47.67
N UNK F 294 -23.51 10.60 46.42
CA UNK F 294 -24.18 11.80 45.93
C UNK F 294 -25.46 12.00 46.72
N UNK F 295 -26.25 10.92 46.88
CA UNK F 295 -27.44 10.97 47.76
C UNK F 295 -27.03 10.98 49.24
N UNK G 289 -8.64 -30.33 -34.79
CA UNK G 289 -9.23 -31.14 -35.87
C UNK G 289 -8.67 -30.84 -37.27
N UNK G 290 -7.70 -29.95 -37.37
CA UNK G 290 -7.13 -29.68 -38.69
C UNK G 290 -5.88 -28.81 -38.72
N UNK G 291 -5.37 -28.47 -37.54
CA UNK G 291 -4.19 -27.64 -37.43
C UNK G 291 -3.45 -27.97 -36.12
N UNK G 292 -4.01 -28.91 -35.38
CA UNK G 292 -3.47 -29.40 -34.11
C UNK G 292 -3.94 -30.84 -34.18
N UNK G 293 -4.52 -31.16 -35.34
CA UNK G 293 -5.06 -32.47 -35.69
C UNK G 293 -4.03 -33.22 -36.49
N UNK G 294 -3.03 -32.49 -36.94
CA UNK G 294 -1.80 -33.03 -37.50
C UNK G 294 -0.76 -32.31 -36.63
N UNK G 295 -0.78 -30.98 -36.77
CA UNK G 295 0.11 -30.05 -36.05
C UNK G 295 -0.57 -29.13 -35.02
N UNK H 289 32.03 -19.63 -45.86
CA UNK H 289 31.82 -18.19 -46.02
C UNK H 289 30.31 -17.91 -46.17
N UNK H 290 29.56 -18.95 -46.54
CA UNK H 290 28.11 -18.84 -46.68
C UNK H 290 27.35 -18.28 -45.46
N UNK H 291 27.54 -18.86 -44.28
CA UNK H 291 26.83 -18.34 -43.12
C UNK H 291 27.26 -16.93 -42.66
N UNK H 292 28.49 -16.52 -42.97
CA UNK H 292 28.96 -15.16 -42.62
C UNK H 292 28.48 -14.13 -43.64
N UNK H 293 28.39 -14.55 -44.89
CA UNK H 293 27.84 -13.72 -45.95
C UNK H 293 26.37 -13.36 -45.54
N UNK H 294 25.66 -14.35 -45.02
CA UNK H 294 24.27 -14.19 -44.63
C UNK H 294 24.04 -13.44 -43.29
N UNK H 295 24.92 -13.62 -42.33
CA UNK H 295 24.72 -12.92 -41.08
C UNK H 295 24.90 -11.47 -41.38
N UNK H 296 25.78 -11.19 -42.34
CA UNK H 296 26.19 -9.83 -42.71
C UNK H 296 25.51 -9.15 -43.91
N UNK H 297 25.36 -9.83 -45.06
CA UNK H 297 24.80 -9.21 -46.29
C UNK H 297 23.31 -9.49 -46.52
#